data_7XJH
#
_entry.id   7XJH
#
_cell.length_a   1.00
_cell.length_b   1.00
_cell.length_c   1.00
_cell.angle_alpha   90.00
_cell.angle_beta   90.00
_cell.angle_gamma   90.00
#
_symmetry.space_group_name_H-M   'P 1'
#
loop_
_entity.id
_entity.type
_entity.pdbx_description
1 polymer 'Guanine nucleotide-binding protein G(s) subunit alpha isoforms short'
2 polymer 'Guanine nucleotide-binding protein G(I)/G(S)/G(T) subunit beta-1'
3 polymer 'Guanine nucleotide-binding protein G(I)/G(S)/G(O) subunit gamma-2'
4 polymer Nanobody-35
5 polymer 'Beta-3 adrenergic receptor'
6 non-polymer ISOPRENALINE
#
loop_
_entity_poly.entity_id
_entity_poly.type
_entity_poly.pdbx_seq_one_letter_code
_entity_poly.pdbx_strand_id
1 'polypeptide(L)'
;GNSKTEDQRNEEKAQREANKKIEKQLQKDKQVYRATHRLLLLGADNSGKSTIVKQMRIYHVNGFNGEGGEEDPQAARSNS
DGEKATKVQDIKNNLKEAIETIVAAMSNLVPPVELANPENQFRVDYILSVMNVPDFDFPPEFYEHAKALWEDEGVRACYE
RSNEYQLIDCAQYFLDKIDVIKQADYVPSDQDLLRCRVLTSGIFETKFQVDKVNFHMFDVGGQRDERRKWIQCFNDVTAI
IFVVDSSDYNRLQEALNLFKSIWNNRWLRTISVILFLNKQDLLAEKVLAGKSKIEDYFPEFARYTTPEDATPEPGEDPRV
TRAKYFIRDEFLRISTASGDGRHYCYPHFTCAVDTENARRIFNDCRDIIQRMHLRQYELL
;
A
2 'polypeptide(L)'
;GSLLQSELDQLRQEAEQLKNQIRDARKACADATLSQITNNIDPVGRIQMRTRRTLRGHLAKIYAMHWGTDSRLLVSASQD
GKLIIWDSYTTNKVHAIPLRSSWVMTCAYAPSGNYVACGGLDNICSIYNLKTREGNVRVSRELAGHTGYLSCCRFLDDNQ
IVTSSGDTTCALWDIETGQQTTTFTGHTGDVMSLSLAPDTRLFVSGACDASAKLWDVREGMCRQTFTGHESDINAICFFP
NGNAFATGSDDATCRLFDLRADQELMTYSHDNIICGITSVSFSKSGRLLLAGYDDFNCNVWDALKADRAGVLAGHDNRVS
CLGVTDDGMAVATGSWDSFLKIWN
;
B
3 'polypeptide(L)' MASNNTASIAQARKLVEQLKMEANIDRIKVSKAAADLMAYCEAHAKEDPLLTPVPASENPFREKKFFS G
4 'polypeptide(L)'
;MGQVQLQESGGGLVQPGGSLRLSCAASGFTFSNYKMNWVRQAPGKGLEWVSDISQSGASISYTGSVKGRFTISRDNAKNT
LYLQMNSLKPEDTAVYYCARCPAPFTRDCFDVTSTTYAYRGQGTQVTVSSLHHHHHH
;
N
5 'polypeptide(L)'
;DYKDDDDAMGAPWPHGNGSVASWPAAPTPTPDAANTSGLPGAPWAVALAGALLALEVLATVGGNLLVIVAIARTPRLQTM
TNVFVTSLATADLVVGLLVVPPGATLALTGRWPLGATGCELWTSVDVLCVTASIETLCALAVDRYLAVTNPLRYGALVTK
RRARAAVVLVWVVSAAVSFAPIMSKWWRVGADAEAQRCHSNPHCCAFASNIPYALLSSSVSFYLPLLVMLFVYARVFLVA
TRQLRLLRRELGRFPPAESPPAASRSRSPGPARRCASPAAVPSDRLRPARLLPLREHRALRTLGLIVGTFTLCWLPFFVA
NVMRALGGPSLVPSPALLALNWLGYANSAFNPLIYCRSPDFRSAFRRLLCRCRREEHRAAASPPGDPSENLYFQG
;
R
#
loop_
_chem_comp.id
_chem_comp.type
_chem_comp.name
_chem_comp.formula
5FW non-polymer ISOPRENALINE 'C11 H17 N O3'
#
# COMPACT_ATOMS: atom_id res chain seq x y z
N THR A 5 -26.01 -3.07 -38.86
CA THR A 5 -25.20 -3.41 -37.68
C THR A 5 -23.79 -3.82 -38.08
N GLU A 6 -23.55 -3.89 -39.39
CA GLU A 6 -22.23 -4.28 -39.88
C GLU A 6 -21.16 -3.27 -39.45
N ASP A 7 -21.48 -1.97 -39.52
CA ASP A 7 -20.54 -0.95 -39.07
C ASP A 7 -20.25 -1.12 -37.58
N GLN A 8 -21.27 -1.39 -36.77
CA GLN A 8 -21.05 -1.60 -35.35
C GLN A 8 -20.15 -2.81 -35.11
N ARG A 9 -20.43 -3.93 -35.78
CA ARG A 9 -19.61 -5.12 -35.60
C ARG A 9 -18.17 -4.88 -36.00
N ASN A 10 -17.96 -4.14 -37.10
CA ASN A 10 -16.60 -3.74 -37.47
C ASN A 10 -15.97 -2.89 -36.38
N GLU A 11 -16.77 -2.05 -35.71
CA GLU A 11 -16.25 -1.24 -34.61
C GLU A 11 -15.75 -2.11 -33.47
N GLU A 12 -16.55 -3.09 -33.03
CA GLU A 12 -16.05 -3.96 -31.96
C GLU A 12 -14.87 -4.79 -32.42
N LYS A 13 -14.85 -5.21 -33.70
CA LYS A 13 -13.71 -5.99 -34.18
C LYS A 13 -12.43 -5.18 -34.14
N ALA A 14 -12.48 -3.93 -34.60
CA ALA A 14 -11.30 -3.06 -34.54
C ALA A 14 -10.90 -2.78 -33.10
N GLN A 15 -11.88 -2.56 -32.23
CA GLN A 15 -11.57 -2.31 -30.82
C GLN A 15 -10.91 -3.53 -30.18
N ARG A 16 -11.37 -4.72 -30.51
CA ARG A 16 -10.76 -5.94 -29.96
C ARG A 16 -9.36 -6.16 -30.51
N GLU A 17 -9.13 -5.85 -31.79
CA GLU A 17 -7.78 -5.95 -32.33
C GLU A 17 -6.84 -4.97 -31.63
N ALA A 18 -7.29 -3.73 -31.43
CA ALA A 18 -6.48 -2.76 -30.69
C ALA A 18 -6.24 -3.21 -29.25
N ASN A 19 -7.25 -3.79 -28.61
CA ASN A 19 -7.07 -4.32 -27.26
C ASN A 19 -6.03 -5.45 -27.26
N LYS A 20 -6.06 -6.31 -28.26
CA LYS A 20 -5.10 -7.40 -28.32
C LYS A 20 -3.66 -6.89 -28.49
N LYS A 21 -3.46 -5.93 -29.40
CA LYS A 21 -2.11 -5.40 -29.57
C LYS A 21 -1.64 -4.63 -28.34
N ILE A 22 -2.54 -3.87 -27.70
CA ILE A 22 -2.18 -3.16 -26.48
C ILE A 22 -1.88 -4.16 -25.36
N GLU A 23 -2.60 -5.27 -25.32
CA GLU A 23 -2.33 -6.30 -24.32
C GLU A 23 -0.98 -6.95 -24.54
N LYS A 24 -0.59 -7.18 -25.79
CA LYS A 24 0.75 -7.67 -26.06
C LYS A 24 1.80 -6.67 -25.58
N GLN A 25 1.58 -5.38 -25.85
CA GLN A 25 2.49 -4.35 -25.38
C GLN A 25 2.57 -4.34 -23.85
N LEU A 26 1.43 -4.52 -23.19
CA LEU A 26 1.40 -4.49 -21.73
C LEU A 26 2.05 -5.72 -21.13
N GLN A 27 1.95 -6.87 -21.80
CA GLN A 27 2.69 -8.05 -21.35
C GLN A 27 4.20 -7.80 -21.44
N LYS A 28 4.64 -7.20 -22.55
CA LYS A 28 6.05 -6.85 -22.67
C LYS A 28 6.46 -5.87 -21.57
N ASP A 29 5.61 -4.87 -21.30
CA ASP A 29 5.92 -3.88 -20.28
C ASP A 29 5.97 -4.52 -18.89
N LYS A 30 5.07 -5.47 -18.62
CA LYS A 30 5.12 -6.20 -17.35
C LYS A 30 6.41 -6.98 -17.21
N GLN A 31 6.83 -7.67 -18.27
CA GLN A 31 8.06 -8.45 -18.17
C GLN A 31 9.27 -7.56 -17.98
N VAL A 32 9.23 -6.34 -18.53
CA VAL A 32 10.31 -5.39 -18.31
C VAL A 32 10.26 -4.83 -16.89
N TYR A 33 9.05 -4.50 -16.41
CA TYR A 33 8.89 -3.75 -15.16
C TYR A 33 9.14 -4.62 -13.93
N ARG A 34 8.67 -5.87 -13.96
CA ARG A 34 8.83 -6.73 -12.78
C ARG A 34 10.26 -7.19 -12.57
N ALA A 35 11.16 -6.95 -13.53
CA ALA A 35 12.54 -7.39 -13.44
C ALA A 35 13.46 -6.33 -12.85
N THR A 36 12.92 -5.17 -12.46
CA THR A 36 13.72 -4.09 -11.90
C THR A 36 13.21 -3.76 -10.50
N HIS A 37 14.11 -3.25 -9.66
CA HIS A 37 13.80 -2.94 -8.27
C HIS A 37 13.96 -1.44 -8.03
N ARG A 38 12.97 -0.83 -7.38
CA ARG A 38 12.97 0.60 -7.11
C ARG A 38 13.43 0.85 -5.68
N LEU A 39 14.27 1.87 -5.52
CA LEU A 39 14.83 2.21 -4.21
C LEU A 39 14.63 3.70 -3.98
N LEU A 40 13.97 4.06 -2.88
CA LEU A 40 13.84 5.45 -2.47
C LEU A 40 15.08 5.85 -1.68
N LEU A 41 15.89 6.73 -2.25
CA LEU A 41 17.14 7.17 -1.63
C LEU A 41 16.91 8.56 -1.03
N LEU A 42 17.10 8.68 0.29
CA LEU A 42 16.89 9.96 0.94
C LEU A 42 17.87 10.12 2.11
N GLY A 43 18.05 11.37 2.50
CA GLY A 43 18.93 11.74 3.59
C GLY A 43 18.73 13.18 4.00
N ALA A 44 19.81 13.90 4.26
CA ALA A 44 19.78 15.30 4.62
C ALA A 44 20.69 16.09 3.70
N ASP A 45 20.70 17.41 3.88
CA ASP A 45 21.56 18.26 3.05
C ASP A 45 23.04 17.95 3.29
N ASN A 46 23.41 17.70 4.54
CA ASN A 46 24.79 17.38 4.90
C ASN A 46 25.05 15.87 4.88
N SER A 47 24.07 15.07 4.48
CA SER A 47 24.25 13.61 4.49
C SER A 47 25.32 13.17 3.50
N GLY A 48 25.37 13.81 2.33
CA GLY A 48 26.28 13.39 1.29
C GLY A 48 25.76 12.27 0.41
N LYS A 49 24.44 12.08 0.35
CA LYS A 49 23.87 10.99 -0.44
C LYS A 49 24.25 11.11 -1.91
N SER A 50 24.38 12.33 -2.41
CA SER A 50 24.77 12.54 -3.81
C SER A 50 26.15 11.95 -4.09
N THR A 51 27.00 11.82 -3.07
CA THR A 51 28.28 11.15 -3.25
C THR A 51 28.13 9.65 -3.46
N ILE A 52 27.14 9.02 -2.84
CA ILE A 52 26.90 7.60 -3.06
C ILE A 52 26.45 7.31 -4.48
N VAL A 53 25.71 8.23 -5.10
CA VAL A 53 25.25 8.07 -6.48
C VAL A 53 26.49 8.12 -7.37
N LYS A 54 26.84 6.98 -7.96
CA LYS A 54 28.05 6.84 -8.77
C LYS A 54 27.71 6.60 -10.24
N GLN A 55 26.67 7.26 -10.75
CA GLN A 55 26.27 7.12 -12.14
C GLN A 55 27.33 7.68 -13.08
N SER A 201 14.41 17.91 -12.25
CA SER A 201 13.20 18.56 -11.76
C SER A 201 12.89 18.12 -10.34
N GLY A 202 11.82 17.35 -10.17
CA GLY A 202 11.41 16.87 -8.87
C GLY A 202 12.07 15.60 -8.39
N ILE A 203 12.62 14.79 -9.30
CA ILE A 203 13.30 13.56 -8.93
C ILE A 203 14.57 13.45 -9.75
N PHE A 204 15.67 13.13 -9.08
CA PHE A 204 16.96 12.86 -9.72
C PHE A 204 17.07 11.34 -9.81
N GLU A 205 16.72 10.80 -10.96
CA GLU A 205 16.65 9.36 -11.16
C GLU A 205 18.01 8.81 -11.55
N THR A 206 18.19 7.50 -11.35
CA THR A 206 19.43 6.84 -11.76
C THR A 206 19.18 5.33 -11.88
N LYS A 207 19.75 4.74 -12.92
CA LYS A 207 19.76 3.29 -13.11
C LYS A 207 21.17 2.77 -12.90
N PHE A 208 21.30 1.66 -12.18
CA PHE A 208 22.56 0.93 -12.17
C PHE A 208 22.26 -0.55 -12.23
N GLN A 209 23.25 -1.33 -12.65
CA GLN A 209 23.07 -2.75 -12.87
C GLN A 209 24.23 -3.50 -12.23
N VAL A 210 23.91 -4.54 -11.46
CA VAL A 210 24.91 -5.40 -10.84
C VAL A 210 24.46 -6.84 -10.97
N ASP A 211 25.36 -7.69 -11.47
CA ASP A 211 25.09 -9.12 -11.67
C ASP A 211 23.83 -9.33 -12.50
N LYS A 212 23.68 -8.55 -13.57
CA LYS A 212 22.55 -8.58 -14.49
C LYS A 212 21.23 -8.23 -13.82
N VAL A 213 21.26 -7.60 -12.65
CA VAL A 213 20.06 -7.14 -11.95
C VAL A 213 20.04 -5.62 -12.02
N ASN A 214 18.91 -5.07 -12.46
CA ASN A 214 18.77 -3.65 -12.70
C ASN A 214 18.12 -2.99 -11.48
N PHE A 215 18.91 -2.24 -10.72
CA PHE A 215 18.38 -1.45 -9.62
C PHE A 215 18.08 -0.03 -10.09
N HIS A 216 16.97 0.50 -9.60
CA HIS A 216 16.37 1.74 -10.09
C HIS A 216 16.30 2.71 -8.91
N MET A 217 17.38 3.44 -8.68
CA MET A 217 17.48 4.28 -7.51
C MET A 217 17.14 5.72 -7.88
N PHE A 218 16.77 6.53 -6.87
CA PHE A 218 16.38 7.90 -7.14
C PHE A 218 16.42 8.78 -5.90
N ASP A 219 16.87 10.02 -6.08
CA ASP A 219 16.82 11.03 -5.03
C ASP A 219 15.64 11.97 -5.27
N VAL A 220 15.09 12.49 -4.17
CA VAL A 220 13.98 13.43 -4.23
C VAL A 220 14.47 14.75 -3.65
N GLY A 221 14.64 15.75 -4.50
CA GLY A 221 15.13 17.04 -4.07
C GLY A 221 14.30 18.21 -4.56
N GLY A 222 13.31 17.93 -5.42
CA GLY A 222 12.50 18.99 -5.98
C GLY A 222 11.43 19.54 -5.05
N GLN A 223 11.05 18.77 -4.04
CA GLN A 223 9.98 19.19 -3.13
C GLN A 223 10.56 19.90 -1.91
N ARG A 224 9.67 20.33 -1.03
CA ARG A 224 10.04 21.06 0.17
C ARG A 224 10.39 20.09 1.30
N ASP A 225 10.58 20.61 2.50
CA ASP A 225 10.96 19.77 3.63
C ASP A 225 9.80 18.90 4.10
N GLU A 226 8.57 19.39 4.00
CA GLU A 226 7.41 18.58 4.37
C GLU A 226 7.30 17.40 3.42
N ARG A 227 7.30 16.18 3.97
CA ARG A 227 7.34 14.98 3.17
C ARG A 227 6.36 13.92 3.64
N ARG A 228 5.27 14.32 4.29
CA ARG A 228 4.30 13.36 4.82
C ARG A 228 3.26 12.94 3.81
N LYS A 229 3.24 13.52 2.61
CA LYS A 229 2.27 13.16 1.59
C LYS A 229 2.88 12.49 0.36
N TRP A 230 4.04 12.96 -0.11
CA TRP A 230 4.65 12.37 -1.28
C TRP A 230 5.49 11.14 -0.96
N ILE A 231 5.64 10.78 0.31
CA ILE A 231 6.43 9.60 0.65
C ILE A 231 5.59 8.32 0.57
N GLN A 232 4.27 8.42 0.74
CA GLN A 232 3.41 7.24 0.62
C GLN A 232 3.53 6.61 -0.75
N CYS A 233 3.79 7.43 -1.77
CA CYS A 233 3.97 6.92 -3.14
C CYS A 233 5.07 5.88 -3.22
N PHE A 234 5.93 5.80 -2.21
CA PHE A 234 7.02 4.82 -2.20
C PHE A 234 6.74 3.68 -1.23
N ASN A 235 5.48 3.27 -1.11
CA ASN A 235 5.15 2.17 -0.21
C ASN A 235 5.38 0.80 -0.85
N ASP A 236 5.83 0.75 -2.11
CA ASP A 236 6.05 -0.50 -2.81
C ASP A 236 7.49 -0.71 -3.26
N VAL A 237 8.42 0.11 -2.76
CA VAL A 237 9.82 -0.05 -3.15
C VAL A 237 10.43 -1.23 -2.41
N THR A 238 11.50 -1.77 -2.99
CA THR A 238 12.18 -2.91 -2.38
C THR A 238 12.79 -2.52 -1.04
N ALA A 239 13.45 -1.36 -0.98
CA ALA A 239 14.09 -0.90 0.24
C ALA A 239 14.16 0.62 0.21
N ILE A 240 14.38 1.20 1.39
CA ILE A 240 14.55 2.64 1.54
C ILE A 240 15.99 2.88 1.97
N ILE A 241 16.75 3.59 1.14
CA ILE A 241 18.16 3.85 1.41
C ILE A 241 18.25 5.16 2.17
N PHE A 242 18.51 5.07 3.47
CA PHE A 242 18.57 6.22 4.37
C PHE A 242 20.04 6.55 4.62
N VAL A 243 20.49 7.70 4.11
CA VAL A 243 21.87 8.14 4.25
C VAL A 243 21.95 9.21 5.33
N VAL A 244 22.94 9.09 6.21
CA VAL A 244 23.13 10.04 7.30
C VAL A 244 24.61 10.15 7.59
N ASP A 245 25.06 11.34 7.95
CA ASP A 245 26.44 11.57 8.35
C ASP A 245 26.58 11.39 9.86
N SER A 246 27.59 10.61 10.26
CA SER A 246 27.85 10.32 11.66
C SER A 246 28.88 11.25 12.26
N SER A 247 29.11 12.42 11.67
CA SER A 247 30.13 13.34 12.14
C SER A 247 29.56 14.58 12.83
N ASP A 248 28.36 14.99 12.48
CA ASP A 248 27.75 16.20 13.06
C ASP A 248 26.71 15.78 14.08
N TYR A 249 27.16 15.64 15.33
CA TYR A 249 26.26 15.19 16.39
C TYR A 249 25.09 16.14 16.59
N ASN A 250 25.27 17.42 16.24
CA ASN A 250 24.17 18.38 16.38
C ASN A 250 23.00 18.02 15.48
N ARG A 251 23.25 17.37 14.35
CA ARG A 251 22.20 16.99 13.41
C ARG A 251 22.05 15.47 13.35
N LEU A 252 22.15 14.81 14.49
CA LEU A 252 21.95 13.37 14.57
C LEU A 252 20.63 12.99 15.22
N GLN A 253 20.14 13.79 16.17
CA GLN A 253 18.83 13.55 16.74
C GLN A 253 17.72 13.74 15.71
N GLU A 254 17.88 14.72 14.81
CA GLU A 254 16.90 14.88 13.73
C GLU A 254 16.88 13.65 12.84
N ALA A 255 18.06 13.10 12.53
CA ALA A 255 18.12 11.88 11.72
C ALA A 255 17.49 10.71 12.46
N LEU A 256 17.72 10.60 13.77
CA LEU A 256 17.08 9.53 14.55
C LEU A 256 15.56 9.66 14.50
N ASN A 257 15.06 10.89 14.66
CA ASN A 257 13.61 11.11 14.60
C ASN A 257 13.06 10.76 13.23
N LEU A 258 13.78 11.13 12.17
CA LEU A 258 13.32 10.81 10.82
C LEU A 258 13.29 9.30 10.60
N PHE A 259 14.33 8.60 11.05
CA PHE A 259 14.35 7.15 10.92
C PHE A 259 13.22 6.50 11.71
N LYS A 260 12.94 6.99 12.92
CA LYS A 260 11.85 6.45 13.72
C LYS A 260 10.50 6.68 13.04
N SER A 261 10.30 7.89 12.50
CA SER A 261 9.04 8.18 11.82
C SER A 261 8.87 7.36 10.56
N ILE A 262 9.95 7.14 9.80
CA ILE A 262 9.87 6.27 8.64
C ILE A 262 9.56 4.84 9.05
N TRP A 263 10.18 4.38 10.14
CA TRP A 263 9.98 3.01 10.62
C TRP A 263 8.53 2.78 11.01
N ASN A 264 7.98 3.63 11.87
CA ASN A 264 6.64 3.41 12.41
C ASN A 264 5.58 4.13 11.58
N ASN A 265 5.58 3.93 10.27
CA ASN A 265 4.60 4.51 9.38
C ASN A 265 3.70 3.41 8.83
N ARG A 266 2.41 3.71 8.69
CA ARG A 266 1.44 2.69 8.30
C ARG A 266 1.74 2.12 6.93
N TRP A 267 2.16 2.96 5.98
CA TRP A 267 2.38 2.51 4.62
C TRP A 267 3.82 2.10 4.36
N LEU A 268 4.76 2.55 5.19
CA LEU A 268 6.15 2.13 5.10
C LEU A 268 6.50 1.08 6.15
N ARG A 269 5.51 0.51 6.83
CA ARG A 269 5.76 -0.49 7.86
C ARG A 269 6.33 -1.78 7.30
N THR A 270 6.15 -2.05 6.01
CA THR A 270 6.68 -3.24 5.38
C THR A 270 8.03 -3.02 4.72
N ILE A 271 8.34 -1.79 4.30
CA ILE A 271 9.58 -1.49 3.60
C ILE A 271 10.74 -1.51 4.58
N SER A 272 11.76 -2.30 4.27
CA SER A 272 12.97 -2.33 5.08
C SER A 272 13.91 -1.20 4.68
N VAL A 273 14.80 -0.85 5.59
CA VAL A 273 15.67 0.32 5.44
C VAL A 273 17.11 -0.15 5.38
N ILE A 274 17.84 0.36 4.38
CA ILE A 274 19.28 0.18 4.28
C ILE A 274 19.91 1.47 4.79
N LEU A 275 20.62 1.40 5.90
CA LEU A 275 21.18 2.57 6.56
C LEU A 275 22.63 2.76 6.15
N PHE A 276 22.97 3.98 5.75
CA PHE A 276 24.33 4.34 5.36
C PHE A 276 24.84 5.45 6.26
N LEU A 277 26.03 5.25 6.82
CA LEU A 277 26.73 6.25 7.61
C LEU A 277 27.90 6.75 6.79
N ASN A 278 27.79 7.96 6.24
CA ASN A 278 28.57 8.37 5.08
C ASN A 278 29.86 9.10 5.42
N LYS A 279 30.10 9.48 6.67
CA LYS A 279 31.24 10.31 7.02
C LYS A 279 32.06 9.68 8.13
N GLN A 280 32.40 8.41 7.95
CA GLN A 280 33.17 7.68 8.95
C GLN A 280 34.56 8.29 9.16
N ASP A 281 35.22 8.71 8.07
CA ASP A 281 36.54 9.30 8.21
C ASP A 281 36.50 10.61 8.97
N LEU A 282 35.51 11.46 8.66
CA LEU A 282 35.37 12.72 9.38
C LEU A 282 35.02 12.47 10.84
N LEU A 283 34.18 11.47 11.13
CA LEU A 283 33.89 11.13 12.51
C LEU A 283 35.14 10.68 13.25
N ALA A 284 35.96 9.86 12.61
CA ALA A 284 37.20 9.40 13.24
C ALA A 284 38.14 10.57 13.52
N GLU A 285 38.27 11.49 12.55
CA GLU A 285 39.11 12.67 12.76
C GLU A 285 38.58 13.53 13.90
N LYS A 286 37.26 13.69 13.97
CA LYS A 286 36.66 14.51 15.02
C LYS A 286 36.89 13.88 16.39
N VAL A 287 36.73 12.56 16.50
CA VAL A 287 36.97 11.88 17.77
C VAL A 287 38.45 11.98 18.16
N LEU A 288 39.35 11.82 17.18
CA LEU A 288 40.77 11.96 17.47
C LEU A 288 41.12 13.35 17.95
N ALA A 289 40.52 14.39 17.34
CA ALA A 289 40.72 15.74 17.82
C ALA A 289 40.21 15.90 19.25
N GLY A 290 39.02 15.37 19.53
CA GLY A 290 38.49 15.32 20.88
C GLY A 290 37.91 16.61 21.40
N LYS A 291 37.87 17.67 20.59
CA LYS A 291 37.30 18.93 21.03
C LYS A 291 35.81 18.81 21.31
N SER A 292 35.10 17.99 20.56
CA SER A 292 33.66 17.80 20.72
C SER A 292 33.42 16.46 21.42
N LYS A 293 32.54 16.47 22.41
CA LYS A 293 32.19 15.29 23.19
C LYS A 293 30.79 14.84 22.83
N ILE A 294 30.64 13.55 22.53
CA ILE A 294 29.33 13.01 22.18
C ILE A 294 28.39 13.03 23.40
N GLU A 295 28.94 12.89 24.60
CA GLU A 295 28.11 12.88 25.80
C GLU A 295 27.38 14.19 26.02
N ASP A 296 27.81 15.27 25.37
CA ASP A 296 27.10 16.54 25.48
C ASP A 296 25.74 16.47 24.79
N TYR A 297 25.59 15.58 23.80
CA TYR A 297 24.33 15.40 23.10
C TYR A 297 23.66 14.07 23.38
N PHE A 298 24.38 13.10 23.94
CA PHE A 298 23.83 11.80 24.31
C PHE A 298 24.39 11.41 25.67
N PRO A 299 23.66 11.73 26.75
CA PRO A 299 24.18 11.43 28.09
C PRO A 299 24.38 9.95 28.37
N GLU A 300 23.73 9.07 27.60
CA GLU A 300 23.86 7.63 27.78
C GLU A 300 25.14 7.07 27.17
N PHE A 301 25.91 7.90 26.47
CA PHE A 301 27.18 7.44 25.90
C PHE A 301 28.26 7.26 26.94
N ALA A 302 28.15 7.92 28.10
CA ALA A 302 29.15 7.81 29.14
C ALA A 302 29.21 6.42 29.77
N ARG A 303 28.13 5.64 29.67
CA ARG A 303 28.07 4.30 30.24
C ARG A 303 27.97 3.23 29.15
N TYR A 304 28.32 3.57 27.92
CA TYR A 304 28.21 2.64 26.80
C TYR A 304 29.52 1.87 26.64
N THR A 305 29.39 0.58 26.35
CA THR A 305 30.52 -0.31 26.14
C THR A 305 30.44 -0.90 24.73
N THR A 306 31.60 -1.04 24.09
CA THR A 306 31.64 -1.58 22.74
C THR A 306 31.08 -3.00 22.73
N PRO A 307 30.15 -3.31 21.82
CA PRO A 307 29.56 -4.66 21.80
C PRO A 307 30.62 -5.73 21.49
N GLU A 308 30.39 -6.91 22.05
CA GLU A 308 31.29 -8.03 21.78
C GLU A 308 31.25 -8.45 20.32
N ASP A 309 30.07 -8.35 19.70
CA ASP A 309 29.91 -8.73 18.30
C ASP A 309 30.53 -7.73 17.34
N ALA A 310 31.00 -6.58 17.83
CA ALA A 310 31.62 -5.59 16.97
C ALA A 310 32.90 -6.13 16.35
N THR A 311 33.17 -5.71 15.12
CA THR A 311 34.33 -6.18 14.35
C THR A 311 35.10 -4.98 13.81
N PRO A 312 35.81 -4.26 14.68
CA PRO A 312 36.56 -3.08 14.23
C PRO A 312 37.68 -3.46 13.28
N GLU A 313 37.96 -2.56 12.34
CA GLU A 313 39.08 -2.76 11.42
C GLU A 313 40.38 -2.67 12.21
N PRO A 314 41.29 -3.65 12.06
CA PRO A 314 42.54 -3.63 12.84
C PRO A 314 43.39 -2.40 12.53
N GLY A 315 43.60 -1.57 13.53
CA GLY A 315 44.39 -0.37 13.39
C GLY A 315 43.66 0.94 13.64
N GLU A 316 42.50 0.90 14.28
CA GLU A 316 41.71 2.10 14.54
C GLU A 316 41.58 2.34 16.04
N ASP A 317 41.24 3.58 16.39
CA ASP A 317 41.11 3.97 17.79
C ASP A 317 39.90 3.28 18.40
N PRO A 318 40.04 2.61 19.55
CA PRO A 318 38.85 2.06 20.22
C PRO A 318 37.82 3.10 20.60
N ARG A 319 38.24 4.36 20.85
CA ARG A 319 37.27 5.42 21.05
C ARG A 319 36.43 5.64 19.80
N VAL A 320 37.07 5.65 18.63
CA VAL A 320 36.35 5.78 17.38
C VAL A 320 35.41 4.60 17.17
N THR A 321 35.88 3.40 17.49
CA THR A 321 35.01 2.22 17.39
C THR A 321 33.81 2.35 18.30
N ARG A 322 34.02 2.81 19.53
CA ARG A 322 32.92 2.99 20.47
C ARG A 322 31.92 4.00 19.95
N ALA A 323 32.39 5.11 19.39
CA ALA A 323 31.47 6.11 18.83
C ALA A 323 30.67 5.55 17.67
N LYS A 324 31.36 4.85 16.75
CA LYS A 324 30.69 4.27 15.59
C LYS A 324 29.59 3.31 16.01
N TYR A 325 29.93 2.35 16.87
CA TYR A 325 28.93 1.37 17.27
C TYR A 325 27.89 1.95 18.22
N PHE A 326 28.19 3.05 18.92
CA PHE A 326 27.15 3.71 19.69
C PHE A 326 26.09 4.31 18.77
N ILE A 327 26.52 5.00 17.71
CA ILE A 327 25.55 5.55 16.76
C ILE A 327 24.79 4.42 16.07
N ARG A 328 25.49 3.38 15.65
CA ARG A 328 24.84 2.26 14.99
C ARG A 328 23.84 1.58 15.93
N ASP A 329 24.18 1.45 17.20
CA ASP A 329 23.28 0.79 18.14
C ASP A 329 22.10 1.67 18.50
N GLU A 330 22.27 2.99 18.49
CA GLU A 330 21.13 3.89 18.63
C GLU A 330 20.14 3.67 17.49
N PHE A 331 20.65 3.66 16.26
CA PHE A 331 19.77 3.40 15.12
C PHE A 331 19.13 2.02 15.22
N LEU A 332 19.91 1.02 15.64
CA LEU A 332 19.40 -0.35 15.71
C LEU A 332 18.35 -0.52 16.80
N ARG A 333 18.48 0.17 17.93
CA ARG A 333 17.45 0.06 18.96
C ARG A 333 16.19 0.80 18.52
N ILE A 334 16.34 1.93 17.82
CA ILE A 334 15.17 2.59 17.25
C ILE A 334 14.48 1.65 16.26
N SER A 335 15.26 0.89 15.51
CA SER A 335 14.72 -0.08 14.56
C SER A 335 13.98 -1.22 15.25
N THR A 336 14.67 -1.96 16.11
CA THR A 336 14.11 -3.17 16.71
C THR A 336 13.11 -2.87 17.82
N ALA A 337 12.94 -1.61 18.22
CA ALA A 337 11.97 -1.30 19.25
C ALA A 337 10.55 -1.68 18.82
N SER A 338 10.27 -1.65 17.53
CA SER A 338 8.92 -1.93 17.03
C SER A 338 8.86 -2.88 15.84
N GLY A 339 9.95 -3.09 15.11
CA GLY A 339 9.92 -3.95 13.95
C GLY A 339 9.58 -5.39 14.27
N ASP A 340 8.37 -5.82 13.90
CA ASP A 340 7.90 -7.16 14.21
C ASP A 340 8.18 -8.15 13.07
N GLY A 341 9.44 -8.19 12.63
CA GLY A 341 9.89 -9.21 11.70
C GLY A 341 9.47 -9.03 10.26
N ARG A 342 8.79 -7.95 9.91
CA ARG A 342 8.39 -7.75 8.52
C ARG A 342 9.39 -6.88 7.76
N HIS A 343 10.01 -5.91 8.42
CA HIS A 343 11.00 -5.05 7.80
C HIS A 343 12.22 -4.97 8.71
N TYR A 344 13.37 -4.69 8.11
CA TYR A 344 14.64 -4.82 8.81
C TYR A 344 15.53 -3.63 8.48
N CYS A 345 16.57 -3.45 9.28
CA CYS A 345 17.53 -2.38 9.09
C CYS A 345 18.91 -2.98 8.86
N TYR A 346 19.63 -2.43 7.88
CA TYR A 346 20.94 -2.93 7.48
C TYR A 346 21.94 -1.79 7.49
N PRO A 347 22.47 -1.44 8.67
CA PRO A 347 23.44 -0.34 8.74
C PRO A 347 24.76 -0.72 8.11
N HIS A 348 25.46 0.29 7.61
CA HIS A 348 26.81 0.12 7.07
C HIS A 348 27.63 1.36 7.41
N PHE A 349 28.94 1.16 7.43
CA PHE A 349 29.91 2.25 7.65
C PHE A 349 30.53 2.60 6.32
N THR A 350 30.34 3.84 5.87
CA THR A 350 30.72 4.25 4.54
C THR A 350 31.56 5.52 4.59
N CYS A 351 32.60 5.56 3.76
CA CYS A 351 33.40 6.75 3.59
C CYS A 351 33.00 7.44 2.29
N ALA A 352 33.75 8.48 1.90
CA ALA A 352 33.48 9.20 0.67
C ALA A 352 34.26 8.67 -0.52
N VAL A 353 35.04 7.61 -0.35
CA VAL A 353 35.90 7.09 -1.41
C VAL A 353 35.67 5.58 -1.54
N ASP A 354 34.63 5.08 -0.87
CA ASP A 354 34.33 3.66 -0.93
C ASP A 354 33.82 3.27 -2.31
N THR A 355 34.44 2.25 -2.90
CA THR A 355 34.07 1.77 -4.22
C THR A 355 33.23 0.50 -4.19
N GLU A 356 32.79 0.07 -3.01
CA GLU A 356 32.00 -1.14 -2.85
C GLU A 356 30.63 -0.84 -2.25
N ASN A 357 30.02 0.27 -2.67
CA ASN A 357 28.72 0.69 -2.16
C ASN A 357 27.56 0.12 -2.95
N ALA A 358 27.81 -0.55 -4.07
CA ALA A 358 26.76 -1.17 -4.87
C ALA A 358 26.53 -2.63 -4.54
N ARG A 359 27.60 -3.39 -4.29
CA ARG A 359 27.45 -4.76 -3.87
C ARG A 359 26.75 -4.84 -2.52
N ARG A 360 26.96 -3.86 -1.66
CA ARG A 360 26.26 -3.83 -0.37
C ARG A 360 24.75 -3.71 -0.58
N ILE A 361 24.32 -2.81 -1.47
CA ILE A 361 22.90 -2.67 -1.75
C ILE A 361 22.35 -3.94 -2.41
N PHE A 362 23.14 -4.54 -3.31
CA PHE A 362 22.73 -5.79 -3.95
C PHE A 362 22.49 -6.87 -2.91
N ASN A 363 23.45 -7.08 -2.00
CA ASN A 363 23.32 -8.11 -0.99
C ASN A 363 22.16 -7.82 -0.04
N ASP A 364 22.01 -6.55 0.37
CA ASP A 364 20.92 -6.20 1.26
C ASP A 364 19.56 -6.44 0.61
N CYS A 365 19.40 -6.06 -0.66
CA CYS A 365 18.13 -6.29 -1.34
C CYS A 365 17.87 -7.78 -1.52
N ARG A 366 18.91 -8.54 -1.83
CA ARG A 366 18.75 -10.00 -1.96
C ARG A 366 18.27 -10.60 -0.64
N ASP A 367 18.88 -10.19 0.47
CA ASP A 367 18.44 -10.68 1.78
C ASP A 367 17.02 -10.26 2.09
N ILE A 368 16.66 -9.02 1.75
CA ILE A 368 15.32 -8.52 2.01
C ILE A 368 14.28 -9.36 1.28
N ILE A 369 14.50 -9.59 -0.01
CA ILE A 369 13.50 -10.33 -0.80
C ILE A 369 13.51 -11.80 -0.41
N GLN A 370 14.67 -12.35 -0.05
CA GLN A 370 14.72 -13.73 0.42
C GLN A 370 13.91 -13.91 1.71
N ARG A 371 14.07 -12.99 2.66
CA ARG A 371 13.28 -13.06 3.88
C ARG A 371 11.79 -12.85 3.58
N MET A 372 11.49 -11.99 2.61
CA MET A 372 10.09 -11.79 2.20
C MET A 372 9.49 -13.10 1.69
N HIS A 373 10.23 -13.81 0.85
CA HIS A 373 9.73 -15.09 0.32
C HIS A 373 9.61 -16.13 1.43
N LEU A 374 10.59 -16.20 2.34
CA LEU A 374 10.53 -17.15 3.43
C LEU A 374 9.31 -16.90 4.31
N ARG A 375 9.05 -15.62 4.62
CA ARG A 375 7.86 -15.29 5.40
C ARG A 375 6.58 -15.58 4.62
N GLN A 376 6.59 -15.38 3.31
CA GLN A 376 5.41 -15.66 2.50
C GLN A 376 5.07 -17.15 2.52
N TYR A 377 6.08 -18.02 2.43
CA TYR A 377 5.85 -19.45 2.43
C TYR A 377 5.64 -20.02 3.84
N GLU A 378 5.36 -19.18 4.83
CA GLU A 378 5.16 -19.60 6.21
C GLU A 378 6.33 -20.45 6.69
N LEU A 379 7.54 -19.97 6.37
CA LEU A 379 8.74 -20.77 6.51
C LEU A 379 9.88 -20.04 7.21
N LEU A 380 9.58 -18.96 7.93
CA LEU A 380 10.62 -18.22 8.63
C LEU A 380 10.79 -18.75 10.05
N GLN B 5 7.92 45.00 15.44
CA GLN B 5 7.80 44.72 16.86
C GLN B 5 6.40 45.03 17.37
N SER B 6 6.20 46.26 17.83
CA SER B 6 4.89 46.67 18.32
C SER B 6 3.86 46.71 17.21
N GLU B 7 4.28 47.12 16.00
CA GLU B 7 3.35 47.16 14.87
C GLU B 7 2.85 45.77 14.52
N LEU B 8 3.74 44.78 14.53
CA LEU B 8 3.32 43.41 14.25
C LEU B 8 2.34 42.89 15.30
N ASP B 9 2.59 43.21 16.56
CA ASP B 9 1.68 42.78 17.63
C ASP B 9 0.32 43.45 17.48
N GLN B 10 0.30 44.74 17.13
CA GLN B 10 -0.97 45.44 16.92
C GLN B 10 -1.72 44.86 15.74
N LEU B 11 -1.01 44.54 14.65
CA LEU B 11 -1.66 43.93 13.49
C LEU B 11 -2.22 42.56 13.84
N ARG B 12 -1.48 41.77 14.62
CA ARG B 12 -1.98 40.46 15.05
C ARG B 12 -3.21 40.60 15.92
N GLN B 13 -3.22 41.57 16.83
CA GLN B 13 -4.38 41.80 17.68
C GLN B 13 -5.59 42.21 16.85
N GLU B 14 -5.39 43.09 15.87
CA GLU B 14 -6.50 43.50 15.01
C GLU B 14 -7.02 42.32 14.18
N ALA B 15 -6.11 41.47 13.68
CA ALA B 15 -6.53 40.29 12.94
C ALA B 15 -7.32 39.34 13.83
N GLU B 16 -6.88 39.16 15.08
CA GLU B 16 -7.60 38.29 16.01
C GLU B 16 -8.99 38.85 16.31
N GLN B 17 -9.09 40.16 16.50
CA GLN B 17 -10.39 40.79 16.73
C GLN B 17 -11.31 40.60 15.52
N LEU B 18 -10.76 40.78 14.31
CA LEU B 18 -11.58 40.58 13.12
C LEU B 18 -12.01 39.13 12.97
N LYS B 19 -11.13 38.19 13.31
CA LYS B 19 -11.51 36.78 13.27
C LYS B 19 -12.61 36.47 14.28
N ASN B 20 -12.53 37.06 15.47
CA ASN B 20 -13.59 36.89 16.45
C ASN B 20 -14.91 37.47 15.94
N GLN B 21 -14.84 38.63 15.28
CA GLN B 21 -16.05 39.20 14.69
C GLN B 21 -16.63 38.30 13.62
N ILE B 22 -15.77 37.70 12.79
CA ILE B 22 -16.23 36.78 11.76
C ILE B 22 -16.90 35.57 12.40
N ARG B 23 -16.30 35.01 13.45
CA ARG B 23 -16.89 33.87 14.13
C ARG B 23 -18.25 34.22 14.73
N ASP B 24 -18.35 35.40 15.34
CA ASP B 24 -19.62 35.83 15.92
C ASP B 24 -20.69 36.00 14.84
N ALA B 25 -20.33 36.61 13.71
CA ALA B 25 -21.28 36.78 12.63
C ALA B 25 -21.70 35.43 12.04
N ARG B 26 -20.75 34.50 11.94
CA ARG B 26 -21.07 33.16 11.45
C ARG B 26 -22.06 32.46 12.39
N LYS B 27 -21.80 32.53 13.70
CA LYS B 27 -22.66 31.83 14.65
C LYS B 27 -23.99 32.51 14.86
N ALA B 28 -24.09 33.81 14.54
CA ALA B 28 -25.37 34.51 14.67
C ALA B 28 -26.42 33.96 13.72
N CYS B 29 -26.02 33.62 12.50
CA CYS B 29 -26.95 33.15 11.48
C CYS B 29 -27.15 31.63 11.52
N ALA B 30 -26.49 30.93 12.43
CA ALA B 30 -26.65 29.48 12.57
C ALA B 30 -27.95 29.22 13.32
N ASP B 31 -29.05 29.20 12.56
CA ASP B 31 -30.37 29.08 13.16
C ASP B 31 -30.61 27.67 13.69
N ALA B 32 -30.57 26.68 12.82
CA ALA B 32 -30.82 25.29 13.22
C ALA B 32 -29.96 24.36 12.37
N THR B 33 -29.62 23.22 12.96
CA THR B 33 -28.75 22.26 12.28
C THR B 33 -29.55 21.43 11.28
N LEU B 34 -28.95 21.18 10.11
CA LEU B 34 -29.61 20.37 9.10
C LEU B 34 -29.97 18.98 9.61
N SER B 35 -29.25 18.46 10.60
CA SER B 35 -29.70 17.25 11.28
C SER B 35 -31.06 17.48 11.92
N GLN B 36 -31.30 18.67 12.47
CA GLN B 36 -32.60 18.98 13.05
C GLN B 36 -33.67 19.16 11.98
N ILE B 37 -33.36 19.91 10.91
CA ILE B 37 -34.38 20.17 9.90
C ILE B 37 -34.76 18.89 9.16
N THR B 38 -33.80 17.98 8.99
CA THR B 38 -34.05 16.72 8.27
C THR B 38 -34.83 15.70 9.08
N ASN B 39 -35.44 16.11 10.21
CA ASN B 39 -36.23 15.18 11.00
C ASN B 39 -37.52 14.77 10.31
N ASN B 40 -37.91 15.47 9.24
CA ASN B 40 -39.17 15.22 8.55
C ASN B 40 -39.02 14.41 7.26
N ILE B 41 -37.80 14.03 6.90
CA ILE B 41 -37.55 13.26 5.69
C ILE B 41 -37.32 11.80 6.07
N ASP B 42 -37.57 10.90 5.12
CA ASP B 42 -37.41 9.48 5.38
C ASP B 42 -36.01 9.01 5.01
N PRO B 43 -35.52 7.95 5.65
CA PRO B 43 -34.20 7.42 5.31
C PRO B 43 -34.18 6.84 3.90
N VAL B 44 -32.97 6.81 3.32
CA VAL B 44 -32.83 6.30 1.96
C VAL B 44 -32.90 4.79 1.88
N GLY B 45 -32.58 4.08 2.97
CA GLY B 45 -32.62 2.63 2.95
C GLY B 45 -31.26 1.99 3.04
N ARG B 46 -31.03 0.95 2.22
CA ARG B 46 -29.76 0.21 2.20
C ARG B 46 -29.37 -0.02 0.75
N ILE B 47 -28.41 0.78 0.27
CA ILE B 47 -27.93 0.64 -1.10
C ILE B 47 -27.02 -0.57 -1.18
N GLN B 48 -27.29 -1.45 -2.14
CA GLN B 48 -26.53 -2.68 -2.33
C GLN B 48 -25.93 -2.67 -3.73
N MET B 49 -24.74 -2.08 -3.86
CA MET B 49 -24.02 -2.06 -5.12
C MET B 49 -23.16 -3.32 -5.26
N ARG B 50 -22.97 -3.75 -6.50
CA ARG B 50 -22.19 -4.93 -6.80
C ARG B 50 -21.18 -4.61 -7.89
N THR B 51 -20.08 -5.36 -7.90
CA THR B 51 -19.00 -5.12 -8.85
C THR B 51 -19.42 -5.52 -10.26
N ARG B 52 -19.94 -4.56 -11.03
CA ARG B 52 -20.38 -4.87 -12.39
C ARG B 52 -19.20 -5.19 -13.29
N ARG B 53 -18.11 -4.43 -13.17
CA ARG B 53 -16.93 -4.67 -14.00
C ARG B 53 -15.68 -4.66 -13.14
N THR B 54 -14.67 -5.41 -13.59
CA THR B 54 -13.35 -5.43 -12.94
C THR B 54 -12.30 -5.23 -14.02
N LEU B 55 -11.62 -4.10 -13.97
CA LEU B 55 -10.60 -3.74 -14.95
C LEU B 55 -9.23 -4.01 -14.34
N ARG B 56 -8.43 -4.83 -15.03
CA ARG B 56 -7.15 -5.31 -14.51
C ARG B 56 -6.12 -5.22 -15.64
N GLY B 57 -5.42 -4.09 -15.71
CA GLY B 57 -4.36 -3.93 -16.68
C GLY B 57 -3.17 -3.15 -16.16
N HIS B 58 -3.24 -2.74 -14.89
CA HIS B 58 -2.20 -1.93 -14.28
C HIS B 58 -1.28 -2.80 -13.43
N LEU B 59 0.00 -2.44 -13.40
CA LEU B 59 0.98 -3.26 -12.71
C LEU B 59 1.15 -2.83 -11.25
N ALA B 60 1.16 -1.54 -11.00
CA ALA B 60 1.38 -0.99 -9.66
C ALA B 60 0.09 -0.32 -9.18
N LYS B 61 0.18 0.32 -8.01
CA LYS B 61 -0.99 0.91 -7.38
C LYS B 61 -1.62 1.97 -8.27
N ILE B 62 -2.95 1.93 -8.38
CA ILE B 62 -3.70 2.96 -9.09
C ILE B 62 -3.86 4.16 -8.16
N TYR B 63 -3.41 5.32 -8.61
CA TYR B 63 -3.40 6.51 -7.78
C TYR B 63 -4.42 7.57 -8.19
N ALA B 64 -4.92 7.52 -9.43
CA ALA B 64 -5.93 8.46 -9.87
C ALA B 64 -6.64 7.92 -11.10
N MET B 65 -7.89 8.36 -11.27
CA MET B 65 -8.64 8.11 -12.49
C MET B 65 -9.59 9.27 -12.72
N HIS B 66 -10.15 9.33 -13.92
CA HIS B 66 -11.11 10.36 -14.29
C HIS B 66 -12.06 9.81 -15.35
N TRP B 67 -13.35 10.06 -15.16
CA TRP B 67 -14.37 9.64 -16.12
C TRP B 67 -14.46 10.62 -17.27
N GLY B 68 -14.81 10.10 -18.44
CA GLY B 68 -15.11 10.95 -19.57
C GLY B 68 -16.50 11.54 -19.48
N THR B 69 -16.75 12.57 -20.29
CA THR B 69 -18.06 13.20 -20.30
C THR B 69 -19.11 12.37 -21.01
N ASP B 70 -18.69 11.36 -21.77
CA ASP B 70 -19.62 10.44 -22.42
C ASP B 70 -20.07 9.33 -21.49
N SER B 71 -19.56 9.28 -20.26
CA SER B 71 -19.92 8.29 -19.25
C SER B 71 -19.57 6.87 -19.68
N ARG B 72 -18.71 6.71 -20.67
CA ARG B 72 -18.30 5.40 -21.16
C ARG B 72 -16.80 5.19 -21.13
N LEU B 73 -16.02 6.20 -21.49
CA LEU B 73 -14.56 6.11 -21.51
C LEU B 73 -13.99 6.75 -20.24
N LEU B 74 -13.00 6.08 -19.64
CA LEU B 74 -12.34 6.62 -18.46
C LEU B 74 -10.82 6.48 -18.64
N VAL B 75 -10.08 7.25 -17.85
CA VAL B 75 -8.63 7.22 -17.88
C VAL B 75 -8.13 6.92 -16.47
N SER B 76 -7.08 6.12 -16.37
CA SER B 76 -6.52 5.75 -15.08
C SER B 76 -5.00 5.79 -15.15
N ALA B 77 -4.39 6.39 -14.14
CA ALA B 77 -2.94 6.50 -14.05
C ALA B 77 -2.41 5.60 -12.94
N SER B 78 -1.31 4.91 -13.21
CA SER B 78 -0.70 4.04 -12.22
C SER B 78 0.77 4.38 -12.06
N GLN B 79 1.29 4.05 -10.87
CA GLN B 79 2.67 4.39 -10.52
C GLN B 79 3.71 3.48 -11.16
N ASP B 80 3.32 2.65 -12.12
CA ASP B 80 4.27 1.89 -12.92
C ASP B 80 4.69 2.64 -14.17
N GLY B 81 4.23 3.88 -14.32
CA GLY B 81 4.53 4.66 -15.52
C GLY B 81 3.58 4.37 -16.64
N LYS B 82 2.28 4.33 -16.34
CA LYS B 82 1.28 3.95 -17.33
C LYS B 82 0.01 4.76 -17.13
N LEU B 83 -0.62 5.10 -18.25
CA LEU B 83 -1.85 5.90 -18.30
C LEU B 83 -2.78 5.22 -19.29
N ILE B 84 -3.70 4.41 -18.80
CA ILE B 84 -4.53 3.54 -19.63
C ILE B 84 -5.92 4.15 -19.75
N ILE B 85 -6.43 4.22 -20.98
CA ILE B 85 -7.80 4.65 -21.25
C ILE B 85 -8.63 3.40 -21.49
N TRP B 86 -9.70 3.24 -20.70
CA TRP B 86 -10.58 2.09 -20.78
C TRP B 86 -11.94 2.47 -21.33
N ASP B 87 -12.51 1.56 -22.12
CA ASP B 87 -13.92 1.58 -22.46
C ASP B 87 -14.65 0.78 -21.40
N SER B 88 -15.38 1.46 -20.52
CA SER B 88 -15.99 0.81 -19.37
C SER B 88 -17.13 -0.12 -19.76
N TYR B 89 -17.61 -0.06 -21.00
CA TYR B 89 -18.71 -0.94 -21.40
C TYR B 89 -18.20 -2.34 -21.76
N THR B 90 -17.19 -2.43 -22.60
CA THR B 90 -16.70 -3.70 -23.10
C THR B 90 -15.42 -4.17 -22.41
N THR B 91 -14.97 -3.45 -21.38
CA THR B 91 -13.77 -3.76 -20.59
C THR B 91 -12.49 -3.59 -21.41
N ASN B 92 -12.61 -3.32 -22.71
CA ASN B 92 -11.45 -3.13 -23.56
C ASN B 92 -10.71 -1.86 -23.18
N LYS B 93 -9.47 -1.74 -23.66
CA LYS B 93 -8.65 -0.57 -23.42
C LYS B 93 -8.26 0.04 -24.77
N VAL B 94 -8.58 1.33 -24.92
CA VAL B 94 -8.41 2.01 -26.21
C VAL B 94 -6.97 2.46 -26.38
N HIS B 95 -6.37 3.01 -25.33
CA HIS B 95 -5.01 3.50 -25.39
C HIS B 95 -4.26 3.08 -24.13
N ALA B 96 -2.93 3.02 -24.24
CA ALA B 96 -2.03 2.74 -23.12
C ALA B 96 -0.81 3.64 -23.30
N ILE B 97 -0.84 4.80 -22.67
CA ILE B 97 0.17 5.84 -22.87
C ILE B 97 1.27 5.63 -21.83
N PRO B 98 2.51 5.37 -22.25
CA PRO B 98 3.62 5.25 -21.28
C PRO B 98 4.15 6.63 -20.91
N LEU B 99 4.11 6.95 -19.62
CA LEU B 99 4.53 8.25 -19.15
C LEU B 99 6.05 8.31 -19.01
N ARG B 100 6.60 9.53 -19.08
CA ARG B 100 8.03 9.73 -18.92
C ARG B 100 8.48 9.43 -17.49
N SER B 101 7.72 9.90 -16.50
CA SER B 101 8.03 9.68 -15.10
C SER B 101 7.04 8.70 -14.51
N SER B 102 7.55 7.67 -13.84
CA SER B 102 6.69 6.63 -13.28
C SER B 102 5.76 7.20 -12.21
N TRP B 103 6.29 8.06 -11.34
CA TRP B 103 5.54 8.55 -10.18
C TRP B 103 4.56 9.63 -10.64
N VAL B 104 3.40 9.17 -11.09
CA VAL B 104 2.29 10.05 -11.49
C VAL B 104 1.26 10.04 -10.35
N MET B 105 0.77 11.22 -9.98
CA MET B 105 -0.11 11.36 -8.84
C MET B 105 -1.52 11.81 -9.23
N THR B 106 -1.75 12.14 -10.49
CA THR B 106 -3.08 12.58 -10.91
C THR B 106 -3.21 12.41 -12.41
N CYS B 107 -4.46 12.45 -12.88
CA CYS B 107 -4.76 12.41 -14.30
C CYS B 107 -6.08 13.12 -14.54
N ALA B 108 -6.29 13.57 -15.76
CA ALA B 108 -7.48 14.31 -16.12
C ALA B 108 -7.85 14.03 -17.57
N TYR B 109 -9.14 13.97 -17.83
CA TYR B 109 -9.68 13.73 -19.16
C TYR B 109 -10.41 14.99 -19.61
N ALA B 110 -10.06 15.49 -20.79
CA ALA B 110 -10.61 16.75 -21.25
C ALA B 110 -12.12 16.63 -21.46
N PRO B 111 -12.90 17.68 -21.20
CA PRO B 111 -14.35 17.60 -21.41
C PRO B 111 -14.74 17.30 -22.85
N SER B 112 -13.95 17.76 -23.82
CA SER B 112 -14.20 17.42 -25.22
C SER B 112 -13.69 16.03 -25.60
N GLY B 113 -12.86 15.42 -24.75
CA GLY B 113 -12.33 14.10 -25.01
C GLY B 113 -11.13 14.06 -25.93
N ASN B 114 -10.55 15.21 -26.28
CA ASN B 114 -9.44 15.26 -27.23
C ASN B 114 -8.09 15.04 -26.56
N TYR B 115 -7.86 15.67 -25.42
CA TYR B 115 -6.57 15.62 -24.74
C TYR B 115 -6.72 14.93 -23.38
N VAL B 116 -5.59 14.42 -22.89
CA VAL B 116 -5.53 13.79 -21.57
C VAL B 116 -4.29 14.31 -20.85
N ALA B 117 -4.47 14.78 -19.62
CA ALA B 117 -3.37 15.34 -18.86
C ALA B 117 -2.99 14.41 -17.71
N CYS B 118 -1.73 14.52 -17.28
CA CYS B 118 -1.24 13.77 -16.13
C CYS B 118 -0.11 14.57 -15.50
N GLY B 119 0.36 14.11 -14.34
CA GLY B 119 1.44 14.78 -13.66
C GLY B 119 1.65 14.31 -12.24
N GLY B 120 2.91 14.17 -11.84
CA GLY B 120 3.21 13.68 -10.51
C GLY B 120 4.38 14.39 -9.83
N LEU B 121 5.35 13.60 -9.38
CA LEU B 121 6.51 14.11 -8.66
C LEU B 121 7.51 14.82 -9.56
N ASP B 122 7.33 14.80 -10.88
CA ASP B 122 8.27 15.41 -11.80
C ASP B 122 8.08 16.92 -11.92
N ASN B 123 7.13 17.49 -11.20
CA ASN B 123 6.80 18.92 -11.15
C ASN B 123 6.16 19.44 -12.42
N ILE B 124 5.93 18.60 -13.43
CA ILE B 124 5.45 19.04 -14.73
C ILE B 124 4.12 18.36 -15.03
N CYS B 125 3.21 19.11 -15.65
CA CYS B 125 1.92 18.59 -16.08
C CYS B 125 2.01 18.26 -17.57
N SER B 126 2.06 16.98 -17.89
CA SER B 126 2.15 16.54 -19.27
C SER B 126 0.76 16.42 -19.87
N ILE B 127 0.66 16.78 -21.16
CA ILE B 127 -0.61 16.74 -21.89
C ILE B 127 -0.38 15.91 -23.15
N TYR B 128 -1.28 14.97 -23.41
CA TYR B 128 -1.18 14.06 -24.54
C TYR B 128 -2.39 14.26 -25.45
N ASN B 129 -2.12 14.27 -26.75
CA ASN B 129 -3.17 14.45 -27.75
C ASN B 129 -3.64 13.08 -28.23
N LEU B 130 -4.94 12.82 -28.10
CA LEU B 130 -5.48 11.52 -28.45
C LEU B 130 -5.86 11.45 -29.92
N LYS B 131 -6.59 12.44 -30.41
CA LYS B 131 -7.09 12.43 -31.79
C LYS B 131 -6.12 13.18 -32.69
N THR B 132 -5.00 12.52 -32.96
CA THR B 132 -3.98 13.07 -33.85
C THR B 132 -4.21 12.59 -35.28
N ARG B 133 -3.66 13.35 -36.23
CA ARG B 133 -3.80 12.99 -37.64
C ARG B 133 -3.08 11.69 -37.96
N GLU B 134 -2.00 11.39 -37.24
CA GLU B 134 -1.24 10.17 -37.46
C GLU B 134 -1.80 8.97 -36.70
N GLY B 135 -2.82 9.17 -35.86
CA GLY B 135 -3.42 8.10 -35.11
C GLY B 135 -2.67 7.70 -33.86
N ASN B 136 -1.60 8.38 -33.51
CA ASN B 136 -0.81 8.06 -32.33
C ASN B 136 -1.06 9.09 -31.23
N VAL B 137 -0.68 8.73 -30.01
CA VAL B 137 -0.80 9.60 -28.85
C VAL B 137 0.57 10.17 -28.56
N ARG B 138 0.70 11.49 -28.62
CA ARG B 138 1.98 12.17 -28.45
C ARG B 138 1.81 13.35 -27.50
N VAL B 139 2.94 13.75 -26.92
CA VAL B 139 2.97 14.86 -25.96
C VAL B 139 2.79 16.16 -26.73
N SER B 140 1.73 16.90 -26.41
CA SER B 140 1.47 18.18 -27.04
C SER B 140 2.05 19.35 -26.26
N ARG B 141 2.22 19.22 -24.94
CA ARG B 141 2.73 20.30 -24.11
C ARG B 141 3.31 19.70 -22.84
N GLU B 142 4.10 20.52 -22.14
CA GLU B 142 4.69 20.15 -20.85
C GLU B 142 4.77 21.42 -20.01
N LEU B 143 3.82 21.56 -19.09
CA LEU B 143 3.74 22.75 -18.24
C LEU B 143 4.68 22.57 -17.06
N ALA B 144 5.71 23.42 -16.98
CA ALA B 144 6.80 23.25 -16.02
C ALA B 144 6.99 24.52 -15.19
N GLY B 145 5.90 25.06 -14.67
CA GLY B 145 5.94 26.24 -13.83
C GLY B 145 5.81 26.01 -12.35
N HIS B 146 5.61 24.77 -11.91
CA HIS B 146 5.45 24.46 -10.50
C HIS B 146 6.76 23.99 -9.89
N THR B 147 6.98 24.36 -8.64
CA THR B 147 8.14 23.92 -7.87
C THR B 147 7.61 23.14 -6.66
N GLY B 148 7.33 21.87 -6.87
CA GLY B 148 6.70 21.02 -5.88
C GLY B 148 5.83 20.00 -6.56
N TYR B 149 5.66 18.85 -5.91
CA TYR B 149 4.96 17.74 -6.54
C TYR B 149 3.56 18.13 -6.95
N LEU B 150 3.16 17.69 -8.13
CA LEU B 150 1.90 18.08 -8.75
C LEU B 150 0.84 17.07 -8.34
N SER B 151 -0.15 17.53 -7.57
CA SER B 151 -1.10 16.64 -6.94
C SER B 151 -2.44 16.55 -7.66
N CYS B 152 -2.81 17.54 -8.47
CA CYS B 152 -4.09 17.48 -9.15
C CYS B 152 -4.04 18.33 -10.41
N CYS B 153 -4.89 17.99 -11.37
CA CYS B 153 -5.03 18.78 -12.59
C CYS B 153 -6.41 18.52 -13.15
N ARG B 154 -7.10 19.57 -13.59
CA ARG B 154 -8.44 19.45 -14.14
C ARG B 154 -8.58 20.37 -15.33
N PHE B 155 -9.18 19.87 -16.40
CA PHE B 155 -9.38 20.65 -17.62
C PHE B 155 -10.59 21.57 -17.46
N LEU B 156 -10.39 22.85 -17.74
CA LEU B 156 -11.49 23.80 -17.83
C LEU B 156 -11.98 23.99 -19.25
N ASP B 157 -11.07 23.92 -20.22
CA ASP B 157 -11.37 23.95 -21.64
C ASP B 157 -10.36 23.06 -22.34
N ASP B 158 -10.25 23.18 -23.66
CA ASP B 158 -9.22 22.46 -24.37
C ASP B 158 -7.86 23.14 -24.29
N ASN B 159 -7.78 24.33 -23.71
CA ASN B 159 -6.54 25.09 -23.65
C ASN B 159 -6.32 25.80 -22.31
N GLN B 160 -7.14 25.55 -21.31
CA GLN B 160 -7.15 26.34 -20.08
C GLN B 160 -7.18 25.44 -18.85
N ILE B 161 -6.28 24.45 -18.80
CA ILE B 161 -6.22 23.55 -17.66
C ILE B 161 -5.86 24.32 -16.38
N VAL B 162 -6.28 23.77 -15.24
CA VAL B 162 -5.93 24.31 -13.93
C VAL B 162 -5.23 23.22 -13.13
N THR B 163 -4.21 23.60 -12.37
CA THR B 163 -3.30 22.66 -11.74
C THR B 163 -3.09 22.99 -10.27
N SER B 164 -3.02 21.94 -9.45
CA SER B 164 -2.70 22.02 -8.04
C SER B 164 -1.44 21.23 -7.76
N SER B 165 -0.46 21.86 -7.13
CA SER B 165 0.83 21.25 -6.86
C SER B 165 1.21 21.43 -5.40
N GLY B 166 1.92 20.46 -4.86
CA GLY B 166 2.25 20.44 -3.45
C GLY B 166 3.29 21.47 -3.05
N ASP B 167 3.04 22.73 -3.40
CA ASP B 167 3.87 23.85 -2.95
C ASP B 167 3.02 25.05 -2.57
N THR B 168 1.81 24.82 -2.03
CA THR B 168 0.90 25.83 -1.52
C THR B 168 0.40 26.79 -2.59
N THR B 169 0.34 26.37 -3.85
CA THR B 169 -0.14 27.23 -4.92
C THR B 169 -0.88 26.42 -5.97
N CYS B 170 -1.82 27.07 -6.65
CA CYS B 170 -2.50 26.53 -7.82
C CYS B 170 -2.30 27.48 -8.98
N ALA B 171 -2.19 26.92 -10.19
CA ALA B 171 -1.89 27.70 -11.38
C ALA B 171 -2.94 27.46 -12.45
N LEU B 172 -3.46 28.56 -13.02
CA LEU B 172 -4.34 28.48 -14.17
C LEU B 172 -3.48 28.60 -15.42
N TRP B 173 -3.46 27.55 -16.23
CA TRP B 173 -2.53 27.45 -17.34
C TRP B 173 -3.20 27.83 -18.66
N ASP B 174 -2.36 28.04 -19.68
CA ASP B 174 -2.80 28.30 -21.05
C ASP B 174 -1.95 27.38 -21.93
N ILE B 175 -2.55 26.28 -22.40
CA ILE B 175 -1.79 25.22 -23.05
C ILE B 175 -1.15 25.69 -24.33
N GLU B 176 -1.82 26.57 -25.08
CA GLU B 176 -1.28 27.04 -26.36
C GLU B 176 0.07 27.72 -26.17
N THR B 177 0.14 28.71 -25.27
CA THR B 177 1.41 29.36 -24.98
C THR B 177 2.27 28.51 -24.07
N GLY B 178 1.66 27.79 -23.13
CA GLY B 178 2.40 26.96 -22.20
C GLY B 178 2.86 27.66 -20.94
N GLN B 179 2.27 28.79 -20.58
CA GLN B 179 2.67 29.55 -19.41
C GLN B 179 1.47 29.78 -18.51
N GLN B 180 1.76 30.13 -17.25
CA GLN B 180 0.72 30.32 -16.25
C GLN B 180 -0.04 31.62 -16.52
N THR B 181 -1.33 31.49 -16.85
CA THR B 181 -2.17 32.68 -16.99
C THR B 181 -2.40 33.36 -15.65
N THR B 182 -2.66 32.56 -14.60
CA THR B 182 -2.95 33.09 -13.28
C THR B 182 -2.40 32.12 -12.25
N THR B 183 -1.93 32.67 -11.13
CA THR B 183 -1.38 31.87 -10.03
C THR B 183 -2.13 32.21 -8.75
N PHE B 184 -2.64 31.18 -8.07
CA PHE B 184 -3.38 31.35 -6.84
C PHE B 184 -2.51 30.94 -5.65
N THR B 185 -2.36 31.84 -4.69
CA THR B 185 -1.54 31.59 -3.51
C THR B 185 -2.33 31.96 -2.26
N GLY B 186 -1.95 31.34 -1.13
CA GLY B 186 -2.62 31.60 0.12
C GLY B 186 -2.72 30.39 1.02
N HIS B 187 -2.50 29.20 0.47
CA HIS B 187 -2.54 27.99 1.28
C HIS B 187 -1.32 27.91 2.18
N THR B 188 -1.53 27.49 3.43
CA THR B 188 -0.43 27.38 4.38
C THR B 188 0.45 26.17 4.08
N GLY B 189 -0.15 25.02 3.78
CA GLY B 189 0.57 23.80 3.53
C GLY B 189 0.33 23.27 2.12
N ASP B 190 0.86 22.07 1.89
CA ASP B 190 0.74 21.42 0.59
C ASP B 190 -0.72 21.27 0.20
N VAL B 191 -1.06 21.63 -1.03
CA VAL B 191 -2.42 21.56 -1.51
C VAL B 191 -2.64 20.22 -2.20
N MET B 192 -3.72 19.54 -1.82
CA MET B 192 -3.94 18.15 -2.20
C MET B 192 -4.92 17.98 -3.35
N SER B 193 -6.01 18.73 -3.39
CA SER B 193 -7.01 18.48 -4.41
C SER B 193 -7.72 19.76 -4.79
N LEU B 194 -8.39 19.72 -5.95
CA LEU B 194 -9.23 20.82 -6.39
C LEU B 194 -10.43 20.25 -7.12
N SER B 195 -11.49 21.05 -7.17
CA SER B 195 -12.72 20.68 -7.87
C SER B 195 -13.30 21.91 -8.54
N LEU B 196 -13.78 21.75 -9.77
CA LEU B 196 -14.37 22.86 -10.51
C LEU B 196 -15.88 22.83 -10.43
N ALA B 197 -16.48 24.02 -10.37
CA ALA B 197 -17.93 24.14 -10.36
C ALA B 197 -18.48 23.77 -11.73
N PRO B 198 -19.77 23.40 -11.80
CA PRO B 198 -20.36 23.11 -13.12
C PRO B 198 -20.25 24.28 -14.10
N ASP B 199 -20.37 25.51 -13.62
CA ASP B 199 -20.19 26.68 -14.48
C ASP B 199 -18.73 27.01 -14.73
N THR B 200 -17.81 26.41 -13.99
CA THR B 200 -16.35 26.51 -14.16
C THR B 200 -15.82 27.93 -14.02
N ARG B 201 -16.63 28.88 -13.54
CA ARG B 201 -16.12 30.23 -13.31
C ARG B 201 -15.32 30.34 -12.04
N LEU B 202 -15.47 29.39 -11.11
CA LEU B 202 -14.73 29.39 -9.86
C LEU B 202 -14.65 27.95 -9.37
N PHE B 203 -13.62 27.68 -8.56
CA PHE B 203 -13.36 26.32 -8.11
C PHE B 203 -12.98 26.35 -6.63
N VAL B 204 -12.86 25.16 -6.03
CA VAL B 204 -12.43 25.04 -4.64
C VAL B 204 -11.19 24.16 -4.58
N SER B 205 -10.39 24.37 -3.53
CA SER B 205 -9.12 23.71 -3.38
C SER B 205 -8.89 23.35 -1.92
N GLY B 206 -8.53 22.09 -1.67
CA GLY B 206 -8.26 21.60 -0.34
C GLY B 206 -6.79 21.25 -0.19
N ALA B 207 -6.21 21.67 0.94
CA ALA B 207 -4.78 21.61 1.18
C ALA B 207 -4.49 20.91 2.50
N CYS B 208 -3.21 20.68 2.76
CA CYS B 208 -2.76 20.00 3.97
C CYS B 208 -2.58 20.97 5.13
N ASP B 209 -3.59 21.79 5.41
CA ASP B 209 -3.57 22.64 6.60
C ASP B 209 -4.94 22.70 7.25
N ALA B 210 -5.79 21.69 7.03
CA ALA B 210 -7.15 21.64 7.56
C ALA B 210 -7.98 22.83 7.11
N SER B 211 -7.76 23.29 5.88
CA SER B 211 -8.49 24.43 5.35
C SER B 211 -8.76 24.22 3.87
N ALA B 212 -9.86 24.80 3.40
CA ALA B 212 -10.23 24.81 1.99
C ALA B 212 -10.50 26.25 1.55
N LYS B 213 -10.21 26.53 0.29
CA LYS B 213 -10.35 27.88 -0.23
C LYS B 213 -11.12 27.88 -1.54
N LEU B 214 -11.91 28.94 -1.73
CA LEU B 214 -12.68 29.15 -2.94
C LEU B 214 -11.95 30.17 -3.81
N TRP B 215 -11.55 29.75 -5.01
CA TRP B 215 -10.78 30.59 -5.91
C TRP B 215 -11.65 31.00 -7.09
N ASP B 216 -11.65 32.30 -7.39
CA ASP B 216 -12.32 32.84 -8.56
C ASP B 216 -11.31 32.79 -9.71
N VAL B 217 -11.66 32.08 -10.79
CA VAL B 217 -10.72 31.85 -11.88
C VAL B 217 -10.36 33.17 -12.56
N ARG B 218 -11.36 34.00 -12.84
CA ARG B 218 -11.10 35.27 -13.53
C ARG B 218 -10.34 36.23 -12.64
N GLU B 219 -10.78 36.41 -11.40
CA GLU B 219 -10.15 37.37 -10.50
C GLU B 219 -8.79 36.90 -10.02
N GLY B 220 -8.62 35.60 -9.82
CA GLY B 220 -7.35 35.07 -9.31
C GLY B 220 -7.05 35.48 -7.88
N MET B 221 -8.06 35.59 -7.03
CA MET B 221 -7.90 36.00 -5.64
C MET B 221 -8.67 35.04 -4.74
N CYS B 222 -8.18 34.86 -3.52
CA CYS B 222 -8.88 34.02 -2.56
C CYS B 222 -10.21 34.65 -2.16
N ARG B 223 -11.31 33.98 -2.50
CA ARG B 223 -12.62 34.53 -2.21
C ARG B 223 -13.08 34.20 -0.80
N GLN B 224 -13.12 32.91 -0.46
CA GLN B 224 -13.67 32.46 0.81
C GLN B 224 -12.81 31.34 1.37
N THR B 225 -12.77 31.24 2.69
CA THR B 225 -11.96 30.25 3.38
C THR B 225 -12.81 29.49 4.38
N PHE B 226 -12.71 28.16 4.35
CA PHE B 226 -13.44 27.28 5.26
C PHE B 226 -12.45 26.48 6.08
N THR B 227 -12.60 26.52 7.40
CA THR B 227 -11.72 25.79 8.32
C THR B 227 -12.61 25.04 9.32
N GLY B 228 -12.82 23.75 9.07
CA GLY B 228 -13.62 22.95 9.97
C GLY B 228 -13.01 21.61 10.33
N HIS B 229 -11.94 21.24 9.65
CA HIS B 229 -11.32 19.94 9.85
C HIS B 229 -10.23 20.02 10.91
N GLU B 230 -9.65 18.87 11.24
CA GLU B 230 -8.61 18.78 12.26
C GLU B 230 -7.27 18.28 11.73
N SER B 231 -7.21 17.82 10.49
CA SER B 231 -5.97 17.28 9.94
C SER B 231 -5.92 17.58 8.45
N ASP B 232 -5.02 16.91 7.74
CA ASP B 232 -4.82 17.17 6.32
C ASP B 232 -6.06 16.80 5.52
N ILE B 233 -6.43 17.68 4.59
CA ILE B 233 -7.58 17.45 3.70
C ILE B 233 -7.07 16.72 2.48
N ASN B 234 -7.55 15.48 2.29
CA ASN B 234 -7.07 14.65 1.19
C ASN B 234 -7.93 14.74 -0.06
N ALA B 235 -9.22 14.99 0.07
CA ALA B 235 -10.11 15.01 -1.08
C ALA B 235 -11.13 16.11 -0.97
N ILE B 236 -11.59 16.59 -2.13
CA ILE B 236 -12.62 17.62 -2.20
C ILE B 236 -13.46 17.36 -3.43
N CYS B 237 -14.75 17.71 -3.34
CA CYS B 237 -15.65 17.54 -4.48
C CYS B 237 -16.80 18.52 -4.33
N PHE B 238 -17.46 18.82 -5.46
CA PHE B 238 -18.65 19.67 -5.47
C PHE B 238 -19.93 18.88 -5.35
N PHE B 239 -20.89 19.45 -4.63
CA PHE B 239 -22.28 19.06 -4.76
C PHE B 239 -22.74 19.37 -6.18
N PRO B 240 -23.63 18.54 -6.77
CA PRO B 240 -23.99 18.75 -8.18
C PRO B 240 -24.54 20.13 -8.50
N ASN B 241 -25.26 20.77 -7.57
CA ASN B 241 -25.79 22.11 -7.85
C ASN B 241 -24.74 23.20 -7.77
N GLY B 242 -23.57 22.91 -7.21
CA GLY B 242 -22.47 23.87 -7.23
C GLY B 242 -22.50 24.93 -6.16
N ASN B 243 -23.44 24.86 -5.22
CA ASN B 243 -23.51 25.81 -4.11
C ASN B 243 -23.00 25.22 -2.81
N ALA B 244 -22.41 24.03 -2.86
CA ALA B 244 -21.87 23.37 -1.69
C ALA B 244 -20.79 22.39 -2.15
N PHE B 245 -19.97 21.95 -1.21
CA PHE B 245 -18.91 21.00 -1.53
C PHE B 245 -18.61 20.16 -0.29
N ALA B 246 -17.95 19.04 -0.52
CA ALA B 246 -17.62 18.08 0.53
C ALA B 246 -16.12 17.85 0.57
N THR B 247 -15.57 17.81 1.77
CA THR B 247 -14.15 17.58 2.01
C THR B 247 -13.96 16.30 2.79
N GLY B 248 -12.91 15.56 2.45
CA GLY B 248 -12.53 14.36 3.18
C GLY B 248 -11.10 14.43 3.64
N SER B 249 -10.88 14.33 4.94
CA SER B 249 -9.58 14.56 5.56
C SER B 249 -9.00 13.27 6.09
N ASP B 250 -7.79 13.38 6.66
CA ASP B 250 -7.06 12.24 7.19
C ASP B 250 -7.43 11.90 8.63
N ASP B 251 -8.26 12.71 9.28
CA ASP B 251 -8.69 12.44 10.65
C ASP B 251 -9.98 11.62 10.70
N ALA B 252 -10.29 10.88 9.63
CA ALA B 252 -11.42 9.94 9.60
C ALA B 252 -12.75 10.67 9.78
N THR B 253 -12.99 11.66 8.93
CA THR B 253 -14.28 12.34 8.90
C THR B 253 -14.42 13.08 7.58
N CYS B 254 -15.66 13.18 7.10
CA CYS B 254 -16.00 14.02 5.96
C CYS B 254 -16.87 15.16 6.44
N ARG B 255 -16.80 16.29 5.73
CA ARG B 255 -17.59 17.45 6.12
C ARG B 255 -18.20 18.09 4.87
N LEU B 256 -19.35 18.72 5.07
CA LEU B 256 -20.04 19.43 4.00
C LEU B 256 -20.02 20.92 4.31
N PHE B 257 -19.45 21.72 3.41
CA PHE B 257 -19.39 23.16 3.54
C PHE B 257 -20.25 23.81 2.46
N ASP B 258 -20.91 24.90 2.83
CA ASP B 258 -21.73 25.68 1.91
C ASP B 258 -21.07 27.02 1.67
N LEU B 259 -20.96 27.40 0.39
CA LEU B 259 -20.34 28.69 0.05
C LEU B 259 -21.13 29.86 0.60
N ARG B 260 -22.46 29.74 0.62
CA ARG B 260 -23.30 30.85 1.05
C ARG B 260 -23.38 30.94 2.57
N ALA B 261 -23.73 29.84 3.23
CA ALA B 261 -23.90 29.83 4.67
C ALA B 261 -22.59 29.99 5.44
N ASP B 262 -21.46 29.68 4.80
CA ASP B 262 -20.14 29.78 5.43
C ASP B 262 -20.06 28.93 6.70
N GLN B 263 -20.71 27.77 6.67
CA GLN B 263 -20.73 26.85 7.81
C GLN B 263 -20.59 25.43 7.31
N GLU B 264 -20.23 24.54 8.22
CA GLU B 264 -20.18 23.10 7.97
C GLU B 264 -21.55 22.52 8.29
N LEU B 265 -22.18 21.90 7.30
CA LEU B 265 -23.54 21.40 7.47
C LEU B 265 -23.57 20.01 8.09
N MET B 266 -22.86 19.06 7.48
CA MET B 266 -22.77 17.71 8.02
C MET B 266 -21.33 17.36 8.35
N THR B 267 -21.17 16.56 9.41
CA THR B 267 -19.91 15.93 9.77
C THR B 267 -20.14 14.42 9.68
N TYR B 268 -19.95 13.87 8.48
CA TYR B 268 -20.09 12.44 8.24
C TYR B 268 -18.92 11.73 8.93
N SER B 269 -19.18 11.18 10.11
CA SER B 269 -18.17 10.46 10.85
C SER B 269 -18.84 9.41 11.72
N HIS B 270 -18.07 8.38 12.08
CA HIS B 270 -18.53 7.31 12.95
C HIS B 270 -17.44 7.02 13.97
N ASP B 271 -17.85 6.45 15.10
CA ASP B 271 -16.87 6.14 16.14
C ASP B 271 -16.02 4.94 15.78
N ASN B 272 -16.54 4.04 14.94
CA ASN B 272 -15.81 2.82 14.58
C ASN B 272 -14.79 3.03 13.47
N ILE B 273 -14.81 4.17 12.80
CA ILE B 273 -13.88 4.45 11.71
C ILE B 273 -12.82 5.41 12.23
N ILE B 274 -11.56 4.99 12.17
CA ILE B 274 -10.43 5.83 12.58
C ILE B 274 -9.43 5.90 11.44
N CYS B 275 -9.92 5.74 10.21
CA CYS B 275 -9.10 5.74 9.01
C CYS B 275 -9.44 6.94 8.14
N GLY B 276 -8.41 7.62 7.65
CA GLY B 276 -8.62 8.82 6.87
C GLY B 276 -9.23 8.55 5.50
N ILE B 277 -9.96 9.54 5.00
CA ILE B 277 -10.57 9.45 3.69
C ILE B 277 -9.53 9.83 2.62
N THR B 278 -9.54 9.08 1.51
CA THR B 278 -8.62 9.33 0.42
C THR B 278 -9.29 9.97 -0.79
N SER B 279 -10.59 9.77 -0.98
CA SER B 279 -11.29 10.29 -2.14
C SER B 279 -12.76 10.39 -1.83
N VAL B 280 -13.41 11.45 -2.31
CA VAL B 280 -14.84 11.64 -2.15
C VAL B 280 -15.45 11.95 -3.51
N SER B 281 -16.73 11.64 -3.65
CA SER B 281 -17.47 11.96 -4.86
C SER B 281 -18.96 11.99 -4.53
N PHE B 282 -19.71 12.73 -5.34
CA PHE B 282 -21.15 12.83 -5.17
C PHE B 282 -21.86 12.04 -6.25
N SER B 283 -23.11 11.70 -5.99
CA SER B 283 -23.98 11.09 -6.98
C SER B 283 -24.58 12.17 -7.86
N LYS B 284 -25.28 11.74 -8.92
CA LYS B 284 -25.85 12.70 -9.87
C LYS B 284 -26.88 13.59 -9.20
N SER B 285 -27.76 13.01 -8.36
CA SER B 285 -28.77 13.80 -7.69
C SER B 285 -28.27 14.46 -6.42
N GLY B 286 -27.05 14.14 -5.98
CA GLY B 286 -26.53 14.72 -4.76
C GLY B 286 -27.06 14.10 -3.49
N ARG B 287 -27.62 12.89 -3.55
CA ARG B 287 -28.14 12.22 -2.36
C ARG B 287 -27.13 11.28 -1.73
N LEU B 288 -26.27 10.65 -2.53
CA LEU B 288 -25.28 9.70 -2.03
C LEU B 288 -23.89 10.29 -2.18
N LEU B 289 -23.15 10.36 -1.07
CA LEU B 289 -21.76 10.79 -1.05
C LEU B 289 -20.90 9.55 -0.84
N LEU B 290 -20.16 9.16 -1.86
CA LEU B 290 -19.26 8.02 -1.74
C LEU B 290 -17.89 8.50 -1.30
N ALA B 291 -17.24 7.72 -0.44
CA ALA B 291 -15.96 8.12 0.13
C ALA B 291 -15.10 6.89 0.37
N GLY B 292 -13.92 6.85 -0.24
CA GLY B 292 -12.96 5.82 0.06
C GLY B 292 -12.29 6.06 1.40
N TYR B 293 -11.70 5.00 1.95
CA TYR B 293 -11.10 5.05 3.28
C TYR B 293 -9.82 4.24 3.30
N ASP B 294 -9.04 4.44 4.36
CA ASP B 294 -7.82 3.67 4.56
C ASP B 294 -8.10 2.25 5.03
N ASP B 295 -9.33 1.96 5.46
CA ASP B 295 -9.68 0.63 5.95
C ASP B 295 -9.98 -0.36 4.83
N PHE B 296 -9.50 -0.07 3.62
CA PHE B 296 -9.44 -0.96 2.46
C PHE B 296 -10.78 -1.05 1.72
N ASN B 297 -11.82 -0.33 2.15
CA ASN B 297 -13.10 -0.40 1.50
C ASN B 297 -13.80 0.96 1.54
N CYS B 298 -14.70 1.17 0.58
CA CYS B 298 -15.41 2.44 0.46
C CYS B 298 -16.67 2.45 1.33
N ASN B 299 -17.17 3.66 1.56
CA ASN B 299 -18.40 3.88 2.31
C ASN B 299 -19.32 4.78 1.49
N VAL B 300 -20.62 4.64 1.72
CA VAL B 300 -21.64 5.42 1.06
C VAL B 300 -22.46 6.10 2.16
N TRP B 301 -22.51 7.43 2.14
CA TRP B 301 -23.23 8.19 3.14
C TRP B 301 -24.43 8.87 2.49
N ASP B 302 -25.54 8.94 3.23
CA ASP B 302 -26.67 9.74 2.78
C ASP B 302 -26.34 11.21 3.00
N ALA B 303 -26.43 12.01 1.93
CA ALA B 303 -25.97 13.39 1.97
C ALA B 303 -26.94 14.33 2.67
N LEU B 304 -27.93 13.82 3.39
CA LEU B 304 -28.85 14.67 4.14
C LEU B 304 -29.07 14.22 5.58
N LYS B 305 -28.93 12.92 5.89
CA LYS B 305 -29.08 12.44 7.25
C LYS B 305 -27.77 11.97 7.88
N ALA B 306 -26.67 11.97 7.13
CA ALA B 306 -25.34 11.56 7.56
C ALA B 306 -25.27 10.09 7.94
N ASP B 307 -26.33 9.31 7.74
CA ASP B 307 -26.32 7.90 8.09
C ASP B 307 -25.73 7.09 6.96
N ARG B 308 -24.76 6.23 7.29
CA ARG B 308 -24.17 5.34 6.30
C ARG B 308 -25.23 4.39 5.75
N ALA B 309 -25.28 4.26 4.42
CA ALA B 309 -26.25 3.42 3.74
C ALA B 309 -25.53 2.74 2.58
N GLY B 310 -25.04 1.54 2.82
CA GLY B 310 -24.32 0.80 1.80
C GLY B 310 -22.82 0.92 1.96
N VAL B 311 -22.13 -0.20 1.74
CA VAL B 311 -20.67 -0.26 1.89
C VAL B 311 -20.11 -1.08 0.74
N LEU B 312 -19.13 -0.53 0.04
CA LEU B 312 -18.40 -1.27 -0.97
C LEU B 312 -17.26 -2.05 -0.34
N ALA B 313 -16.76 -3.04 -1.09
CA ALA B 313 -15.73 -3.93 -0.56
C ALA B 313 -14.97 -4.54 -1.74
N GLY B 314 -14.21 -5.59 -1.47
CA GLY B 314 -13.55 -6.32 -2.54
C GLY B 314 -12.24 -5.73 -3.01
N HIS B 315 -11.69 -4.74 -2.31
CA HIS B 315 -10.42 -4.15 -2.65
C HIS B 315 -9.35 -4.66 -1.70
N ASP B 316 -8.28 -5.23 -2.25
CA ASP B 316 -7.23 -5.84 -1.43
C ASP B 316 -6.42 -4.79 -0.68
N ASN B 317 -6.27 -3.61 -1.25
CA ASN B 317 -5.50 -2.53 -0.63
C ASN B 317 -6.41 -1.31 -0.40
N ARG B 318 -5.80 -0.21 0.02
CA ARG B 318 -6.57 1.01 0.30
C ARG B 318 -7.16 1.58 -0.98
N VAL B 319 -8.31 2.22 -0.84
CA VAL B 319 -8.97 2.88 -1.96
C VAL B 319 -8.37 4.27 -2.11
N SER B 320 -7.86 4.58 -3.30
CA SER B 320 -7.17 5.84 -3.55
C SER B 320 -8.00 6.82 -4.38
N CYS B 321 -8.72 6.34 -5.37
CA CYS B 321 -9.43 7.19 -6.32
C CYS B 321 -10.85 6.70 -6.53
N LEU B 322 -11.76 7.64 -6.77
CA LEU B 322 -13.19 7.35 -6.79
C LEU B 322 -13.87 8.35 -7.72
N GLY B 323 -14.66 7.85 -8.67
CA GLY B 323 -15.33 8.74 -9.60
C GLY B 323 -16.69 8.28 -10.08
N VAL B 324 -17.66 9.18 -10.05
CA VAL B 324 -19.02 8.89 -10.54
C VAL B 324 -19.17 9.47 -11.93
N THR B 325 -19.86 8.75 -12.80
CA THR B 325 -20.01 9.15 -14.19
C THR B 325 -20.84 10.43 -14.30
N ASP B 326 -20.77 11.06 -15.47
CA ASP B 326 -21.51 12.29 -15.71
C ASP B 326 -23.01 12.07 -15.77
N ASP B 327 -23.47 10.86 -16.12
CA ASP B 327 -24.88 10.54 -16.13
C ASP B 327 -25.34 9.85 -14.85
N GLY B 328 -24.44 9.66 -13.89
CA GLY B 328 -24.80 9.02 -12.64
C GLY B 328 -25.12 7.55 -12.75
N MET B 329 -24.65 6.88 -13.80
CA MET B 329 -24.99 5.49 -14.03
C MET B 329 -24.13 4.53 -13.21
N ALA B 330 -22.82 4.72 -13.20
CA ALA B 330 -21.91 3.82 -12.49
C ALA B 330 -20.89 4.64 -11.70
N VAL B 331 -20.17 3.94 -10.84
CA VAL B 331 -19.09 4.53 -10.05
C VAL B 331 -17.86 3.65 -10.17
N ALA B 332 -16.71 4.25 -10.48
CA ALA B 332 -15.46 3.53 -10.63
C ALA B 332 -14.57 3.81 -9.43
N THR B 333 -14.04 2.73 -8.84
CA THR B 333 -13.20 2.80 -7.66
C THR B 333 -11.86 2.15 -7.97
N GLY B 334 -10.78 2.92 -7.82
CA GLY B 334 -9.44 2.39 -7.91
C GLY B 334 -8.83 2.19 -6.54
N SER B 335 -7.79 1.38 -6.51
CA SER B 335 -7.16 1.05 -5.23
C SER B 335 -5.71 0.67 -5.49
N TRP B 336 -4.96 0.57 -4.39
CA TRP B 336 -3.53 0.29 -4.48
C TRP B 336 -3.22 -1.17 -4.81
N ASP B 337 -4.23 -1.99 -5.10
CA ASP B 337 -4.00 -3.36 -5.54
C ASP B 337 -3.96 -3.50 -7.05
N SER B 338 -3.96 -2.38 -7.78
CA SER B 338 -3.86 -2.32 -9.23
C SER B 338 -5.09 -2.88 -9.94
N PHE B 339 -6.25 -2.84 -9.30
CA PHE B 339 -7.50 -3.27 -9.89
C PHE B 339 -8.54 -2.16 -9.75
N LEU B 340 -9.34 -1.97 -10.79
CA LEU B 340 -10.33 -0.89 -10.81
C LEU B 340 -11.72 -1.50 -10.93
N LYS B 341 -12.53 -1.36 -9.90
CA LYS B 341 -13.87 -1.89 -9.91
C LYS B 341 -14.85 -0.86 -10.45
N ILE B 342 -15.92 -1.36 -11.07
CA ILE B 342 -17.00 -0.50 -11.57
C ILE B 342 -18.30 -1.06 -11.01
N TRP B 343 -18.96 -0.26 -10.17
CA TRP B 343 -20.18 -0.62 -9.48
C TRP B 343 -21.37 0.14 -10.06
N ASN B 344 -22.55 -0.45 -9.91
CA ASN B 344 -23.78 0.16 -10.40
C ASN B 344 -24.98 -0.52 -9.76
N ALA C 10 4.44 43.51 6.17
CA ALA C 10 3.53 43.51 5.04
C ALA C 10 2.72 42.22 5.01
N GLN C 11 3.33 41.13 5.47
CA GLN C 11 2.64 39.84 5.51
C GLN C 11 1.44 39.89 6.45
N ALA C 12 1.60 40.52 7.62
CA ALA C 12 0.47 40.72 8.52
C ALA C 12 -0.59 41.61 7.88
N ARG C 13 -0.15 42.65 7.17
CA ARG C 13 -1.10 43.51 6.47
C ARG C 13 -1.84 42.74 5.38
N LYS C 14 -1.13 41.87 4.65
CA LYS C 14 -1.78 41.06 3.63
C LYS C 14 -2.81 40.13 4.26
N LEU C 15 -2.45 39.47 5.36
CA LEU C 15 -3.38 38.57 6.04
C LEU C 15 -4.61 39.32 6.53
N VAL C 16 -4.41 40.49 7.15
CA VAL C 16 -5.54 41.21 7.72
C VAL C 16 -6.43 41.76 6.62
N GLU C 17 -5.86 42.21 5.50
CA GLU C 17 -6.70 42.71 4.42
C GLU C 17 -7.46 41.58 3.73
N GLN C 18 -6.83 40.41 3.57
CA GLN C 18 -7.56 39.27 3.04
C GLN C 18 -8.71 38.87 3.96
N LEU C 19 -8.47 38.88 5.27
CA LEU C 19 -9.53 38.58 6.23
C LEU C 19 -10.64 39.63 6.16
N LYS C 20 -10.28 40.90 5.96
CA LYS C 20 -11.28 41.95 5.83
C LYS C 20 -12.14 41.74 4.59
N MET C 21 -11.52 41.40 3.46
CA MET C 21 -12.31 41.12 2.25
C MET C 21 -13.21 39.91 2.45
N GLU C 22 -12.72 38.88 3.15
CA GLU C 22 -13.57 37.73 3.46
C GLU C 22 -14.64 38.07 4.48
N ALA C 23 -14.50 39.18 5.20
CA ALA C 23 -15.42 39.56 6.26
C ALA C 23 -16.44 40.61 5.80
N ASN C 24 -16.76 40.64 4.51
CA ASN C 24 -17.70 41.61 3.98
C ASN C 24 -18.84 40.98 3.18
N ILE C 25 -18.81 39.67 2.93
CA ILE C 25 -19.88 39.04 2.17
C ILE C 25 -21.12 38.90 3.06
N ASP C 26 -22.26 38.72 2.41
CA ASP C 26 -23.53 38.50 3.10
C ASP C 26 -23.76 37.02 3.32
N ARG C 27 -24.15 36.67 4.54
CA ARG C 27 -24.38 35.27 4.92
C ARG C 27 -25.88 35.01 5.00
N ILE C 28 -26.34 34.00 4.29
CA ILE C 28 -27.73 33.59 4.34
C ILE C 28 -27.92 32.57 5.43
N LYS C 29 -29.18 32.33 5.80
CA LYS C 29 -29.48 31.38 6.85
C LYS C 29 -29.06 29.97 6.46
N VAL C 30 -28.47 29.25 7.42
CA VAL C 30 -28.15 27.85 7.23
C VAL C 30 -29.42 27.05 6.96
N SER C 31 -30.53 27.47 7.56
CA SER C 31 -31.81 26.84 7.26
C SER C 31 -32.22 27.07 5.81
N LYS C 32 -31.96 28.27 5.28
CA LYS C 32 -32.27 28.54 3.88
C LYS C 32 -31.40 27.67 2.96
N ALA C 33 -30.11 27.56 3.27
CA ALA C 33 -29.24 26.68 2.48
C ALA C 33 -29.71 25.24 2.57
N ALA C 34 -30.14 24.81 3.75
CA ALA C 34 -30.67 23.47 3.94
C ALA C 34 -31.91 23.23 3.08
N ALA C 35 -32.82 24.20 3.05
CA ALA C 35 -34.03 24.07 2.25
C ALA C 35 -33.68 23.99 0.76
N ASP C 36 -32.71 24.80 0.32
CA ASP C 36 -32.27 24.73 -1.07
C ASP C 36 -31.67 23.37 -1.41
N LEU C 37 -30.88 22.82 -0.48
CA LEU C 37 -30.31 21.49 -0.71
C LEU C 37 -31.40 20.44 -0.81
N MET C 38 -32.39 20.48 0.09
CA MET C 38 -33.50 19.54 -0.01
C MET C 38 -34.23 19.69 -1.34
N ALA C 39 -34.46 20.93 -1.75
CA ALA C 39 -35.14 21.16 -3.01
C ALA C 39 -34.39 20.52 -4.17
N TYR C 40 -33.07 20.72 -4.23
CA TYR C 40 -32.31 20.17 -5.35
C TYR C 40 -32.31 18.65 -5.32
N CYS C 41 -32.05 18.06 -4.16
CA CYS C 41 -32.00 16.59 -4.08
C CYS C 41 -33.34 15.97 -4.43
N GLU C 42 -34.43 16.54 -3.92
CA GLU C 42 -35.75 15.97 -4.20
C GLU C 42 -36.16 16.19 -5.65
N ALA C 43 -35.75 17.32 -6.24
CA ALA C 43 -36.09 17.57 -7.63
C ALA C 43 -35.32 16.65 -8.57
N HIS C 44 -34.04 16.40 -8.30
CA HIS C 44 -33.21 15.61 -9.19
C HIS C 44 -33.12 14.13 -8.79
N ALA C 45 -33.84 13.72 -7.74
CA ALA C 45 -33.76 12.34 -7.27
C ALA C 45 -34.37 11.33 -8.23
N LYS C 46 -35.14 11.79 -9.23
CA LYS C 46 -35.78 10.87 -10.15
C LYS C 46 -34.89 10.46 -11.32
N GLU C 47 -33.67 11.01 -11.41
CA GLU C 47 -32.74 10.72 -12.49
C GLU C 47 -31.40 10.27 -11.92
N ASP C 48 -31.45 9.38 -10.93
CA ASP C 48 -30.23 8.86 -10.30
C ASP C 48 -30.22 7.34 -10.37
N PRO C 49 -29.51 6.74 -11.32
CA PRO C 49 -29.44 5.27 -11.38
C PRO C 49 -28.86 4.64 -10.14
N LEU C 50 -27.91 5.29 -9.46
CA LEU C 50 -27.34 4.72 -8.24
C LEU C 50 -28.33 4.80 -7.08
N LEU C 51 -29.12 5.88 -7.01
CA LEU C 51 -30.09 6.01 -5.94
C LEU C 51 -31.26 5.03 -6.14
N THR C 52 -31.96 5.17 -7.25
CA THR C 52 -33.05 4.26 -7.60
C THR C 52 -32.59 3.31 -8.68
N PRO C 53 -32.50 2.01 -8.41
CA PRO C 53 -31.99 1.08 -9.43
C PRO C 53 -32.87 1.08 -10.68
N VAL C 54 -32.22 0.95 -11.83
CA VAL C 54 -32.91 0.93 -13.12
C VAL C 54 -33.01 -0.51 -13.61
N PRO C 55 -33.98 -0.85 -14.45
CA PRO C 55 -34.06 -2.23 -14.97
C PRO C 55 -32.85 -2.56 -15.82
N ALA C 56 -32.53 -3.86 -15.86
CA ALA C 56 -31.36 -4.33 -16.61
C ALA C 56 -31.48 -4.07 -18.10
N SER C 57 -32.69 -3.82 -18.60
CA SER C 57 -32.87 -3.50 -20.01
C SER C 57 -32.14 -2.22 -20.38
N GLU C 58 -32.26 -1.18 -19.55
CA GLU C 58 -31.57 0.07 -19.78
C GLU C 58 -30.19 0.11 -19.15
N ASN C 59 -29.81 -0.91 -18.40
CA ASN C 59 -28.53 -0.91 -17.72
C ASN C 59 -27.41 -1.25 -18.70
N PRO C 60 -26.42 -0.37 -18.89
CA PRO C 60 -25.34 -0.70 -19.84
C PRO C 60 -24.33 -1.70 -19.30
N PHE C 61 -24.29 -1.92 -18.00
CA PHE C 61 -23.29 -2.81 -17.40
C PHE C 61 -23.90 -4.15 -17.00
N GLN D 3 -11.15 26.08 14.15
CA GLN D 3 -9.80 26.05 13.60
C GLN D 3 -8.80 25.58 14.66
N VAL D 4 -7.82 24.78 14.23
CA VAL D 4 -6.79 24.27 15.13
C VAL D 4 -5.89 25.42 15.56
N GLN D 5 -5.70 25.57 16.86
CA GLN D 5 -4.80 26.60 17.37
C GLN D 5 -4.09 26.09 18.62
N LEU D 6 -2.85 26.55 18.79
CA LEU D 6 -1.96 26.15 19.87
C LEU D 6 -1.34 27.42 20.44
N GLN D 7 -1.74 27.81 21.64
CA GLN D 7 -1.27 29.03 22.26
C GLN D 7 -0.25 28.71 23.35
N GLU D 8 0.93 29.30 23.24
CA GLU D 8 2.01 29.06 24.19
C GLU D 8 2.13 30.21 25.18
N SER D 9 2.36 29.87 26.44
CA SER D 9 2.57 30.86 27.50
C SER D 9 3.73 30.39 28.36
N GLY D 10 4.84 31.12 28.31
CA GLY D 10 6.02 30.76 29.07
C GLY D 10 6.48 31.84 30.02
N GLY D 11 7.66 32.40 29.75
CA GLY D 11 8.21 33.45 30.58
C GLY D 11 9.09 34.40 29.78
N GLY D 12 9.82 35.26 30.48
CA GLY D 12 10.70 36.21 29.82
C GLY D 12 12.17 35.94 30.06
N LEU D 13 12.79 36.72 30.93
CA LEU D 13 14.20 36.60 31.25
C LEU D 13 14.37 35.87 32.57
N VAL D 14 15.24 34.86 32.58
CA VAL D 14 15.53 34.07 33.77
C VAL D 14 17.03 33.99 33.97
N GLN D 15 17.44 33.75 35.22
CA GLN D 15 18.84 33.60 35.54
C GLN D 15 19.30 32.18 35.23
N PRO D 16 20.60 31.98 34.98
CA PRO D 16 21.10 30.62 34.76
C PRO D 16 20.86 29.74 35.97
N GLY D 17 20.50 28.48 35.71
CA GLY D 17 20.15 27.55 36.75
C GLY D 17 18.74 27.67 37.28
N GLY D 18 17.91 28.53 36.68
CA GLY D 18 16.56 28.72 37.12
C GLY D 18 15.60 27.69 36.55
N SER D 19 14.31 27.89 36.84
CA SER D 19 13.25 27.00 36.40
C SER D 19 12.13 27.82 35.76
N LEU D 20 11.43 27.19 34.81
CA LEU D 20 10.34 27.85 34.11
C LEU D 20 9.38 26.80 33.59
N ARG D 21 8.08 27.10 33.68
CA ARG D 21 7.04 26.17 33.28
C ARG D 21 6.32 26.74 32.06
N LEU D 22 6.47 26.08 30.91
CA LEU D 22 5.77 26.47 29.70
C LEU D 22 4.46 25.73 29.60
N SER D 23 3.42 26.49 29.31
CA SER D 23 2.10 25.87 29.14
C SER D 23 1.71 26.01 27.68
N CYS D 24 0.90 25.09 27.18
CA CYS D 24 0.47 25.06 25.79
C CYS D 24 -1.01 24.68 25.78
N ALA D 25 -1.87 25.65 25.42
CA ALA D 25 -3.31 25.46 25.36
C ALA D 25 -3.68 25.11 23.93
N ALA D 26 -4.24 23.92 23.75
CA ALA D 26 -4.61 23.44 22.42
C ALA D 26 -6.13 23.43 22.28
N SER D 27 -6.63 23.94 21.15
CA SER D 27 -8.05 23.88 20.91
C SER D 27 -8.31 23.72 19.42
N GLY D 28 -9.50 23.19 19.10
CA GLY D 28 -9.89 22.90 17.75
C GLY D 28 -9.77 21.45 17.33
N PHE D 29 -9.34 20.57 18.24
CA PHE D 29 -9.16 19.17 17.90
C PHE D 29 -9.19 18.34 19.18
N THR D 30 -9.34 17.02 19.01
CA THR D 30 -9.44 16.11 20.14
C THR D 30 -8.04 15.79 20.66
N PHE D 31 -7.66 16.49 21.73
CA PHE D 31 -6.29 16.43 22.25
C PHE D 31 -5.82 14.99 22.44
N SER D 32 -6.66 14.18 23.09
CA SER D 32 -6.25 12.83 23.48
C SER D 32 -5.86 11.96 22.28
N ASN D 33 -6.32 12.29 21.08
CA ASN D 33 -5.98 11.44 19.94
C ASN D 33 -4.67 11.82 19.28
N TYR D 34 -4.02 12.90 19.70
CA TYR D 34 -2.82 13.38 19.02
C TYR D 34 -1.62 13.34 19.95
N LYS D 35 -0.46 13.05 19.37
CA LYS D 35 0.81 12.98 20.10
C LYS D 35 1.48 14.35 20.05
N MET D 36 1.68 14.97 21.21
CA MET D 36 2.21 16.31 21.25
C MET D 36 3.74 16.29 21.26
N ASN D 37 4.32 17.40 20.79
CA ASN D 37 5.77 17.54 20.71
C ASN D 37 6.15 18.93 21.19
N TRP D 38 7.40 19.05 21.63
CA TRP D 38 7.99 20.35 21.99
C TRP D 38 9.22 20.56 21.13
N VAL D 39 9.21 21.63 20.34
CA VAL D 39 10.35 21.98 19.51
C VAL D 39 10.83 23.37 19.90
N ARG D 40 12.04 23.71 19.46
CA ARG D 40 12.61 25.01 19.80
C ARG D 40 13.50 25.49 18.67
N GLN D 41 13.53 26.81 18.49
CA GLN D 41 14.38 27.46 17.50
C GLN D 41 15.31 28.42 18.23
N ALA D 42 16.60 28.12 18.21
CA ALA D 42 17.58 28.99 18.83
C ALA D 42 17.85 30.21 17.95
N PRO D 43 18.18 31.35 18.54
CA PRO D 43 18.52 32.53 17.74
C PRO D 43 19.72 32.25 16.85
N GLY D 44 19.55 32.47 15.55
CA GLY D 44 20.60 32.14 14.60
C GLY D 44 20.78 30.65 14.38
N LYS D 45 19.70 29.88 14.50
CA LYS D 45 19.76 28.44 14.33
C LYS D 45 18.41 27.93 13.85
N GLY D 46 18.41 26.71 13.32
CA GLY D 46 17.20 26.11 12.81
C GLY D 46 16.34 25.50 13.91
N LEU D 47 15.17 24.99 13.50
CA LEU D 47 14.25 24.35 14.42
C LEU D 47 14.74 22.96 14.77
N GLU D 48 14.67 22.61 16.05
CA GLU D 48 15.10 21.30 16.52
C GLU D 48 14.07 20.75 17.49
N TRP D 49 14.09 19.43 17.65
CA TRP D 49 13.13 18.72 18.48
C TRP D 49 13.69 18.51 19.88
N VAL D 50 12.84 18.72 20.88
CA VAL D 50 13.25 18.65 22.28
C VAL D 50 12.68 17.43 22.99
N SER D 51 11.35 17.29 23.00
CA SER D 51 10.72 16.19 23.72
C SER D 51 9.33 15.94 23.14
N ASP D 52 8.81 14.74 23.40
CA ASP D 52 7.48 14.35 22.95
C ASP D 52 6.83 13.42 23.95
N ILE D 53 5.49 13.45 23.92
CA ILE D 53 4.61 12.69 24.80
C ILE D 53 3.56 11.99 23.96
N SER D 54 3.26 10.74 24.30
CA SER D 54 2.30 9.95 23.53
C SER D 54 0.88 10.40 23.84
N GLN D 55 -0.10 9.65 23.33
CA GLN D 55 -1.50 10.03 23.52
C GLN D 55 -1.89 10.00 24.98
N SER D 56 -1.47 8.97 25.70
CA SER D 56 -1.80 8.84 27.12
C SER D 56 -0.71 9.40 28.02
N GLY D 57 0.55 9.24 27.64
CA GLY D 57 1.65 9.72 28.45
C GLY D 57 2.51 8.58 28.96
N ALA D 58 2.37 7.40 28.36
CA ALA D 58 3.13 6.23 28.77
C ALA D 58 4.46 6.09 28.04
N SER D 59 4.64 6.79 26.92
CA SER D 59 5.88 6.75 26.16
C SER D 59 6.43 8.18 26.09
N ILE D 60 7.25 8.52 27.09
CA ILE D 60 7.86 9.84 27.17
C ILE D 60 9.21 9.78 26.48
N SER D 61 9.59 10.84 25.77
CA SER D 61 10.94 10.87 25.23
C SER D 61 11.47 12.29 25.20
N TYR D 62 12.78 12.42 25.39
CA TYR D 62 13.47 13.71 25.39
C TYR D 62 14.68 13.63 24.47
N THR D 63 15.13 14.80 24.03
CA THR D 63 16.42 14.88 23.36
C THR D 63 17.54 14.77 24.40
N GLY D 64 18.73 14.41 23.91
CA GLY D 64 19.84 14.16 24.82
C GLY D 64 20.25 15.41 25.60
N SER D 65 20.38 16.54 24.90
CA SER D 65 20.84 17.76 25.57
C SER D 65 19.88 18.21 26.66
N VAL D 66 18.59 17.87 26.54
CA VAL D 66 17.60 18.22 27.54
C VAL D 66 17.28 17.05 28.46
N LYS D 67 18.00 15.93 28.33
CA LYS D 67 17.70 14.75 29.13
C LYS D 67 18.14 14.97 30.58
N GLY D 68 17.23 14.70 31.52
CA GLY D 68 17.51 14.85 32.93
C GLY D 68 17.18 16.20 33.52
N ARG D 69 16.81 17.18 32.70
CA ARG D 69 16.49 18.51 33.17
C ARG D 69 15.05 18.93 32.90
N PHE D 70 14.52 18.66 31.70
CA PHE D 70 13.16 19.06 31.35
C PHE D 70 12.21 17.88 31.53
N THR D 71 10.97 18.20 31.87
CA THR D 71 9.92 17.20 32.05
C THR D 71 8.68 17.64 31.29
N ILE D 72 8.13 16.74 30.48
CA ILE D 72 6.95 17.03 29.66
C ILE D 72 5.78 16.22 30.18
N SER D 73 4.61 16.85 30.25
CA SER D 73 3.42 16.17 30.76
C SER D 73 2.17 16.80 30.19
N ARG D 74 1.22 15.97 29.76
CA ARG D 74 -0.02 16.44 29.16
C ARG D 74 -1.19 16.26 30.11
N ASP D 75 -2.13 17.20 30.07
CA ASP D 75 -3.37 17.13 30.83
C ASP D 75 -4.50 17.13 29.81
N ASN D 76 -5.04 15.94 29.55
CA ASN D 76 -6.07 15.79 28.51
C ASN D 76 -7.41 16.34 28.97
N ALA D 77 -7.68 16.31 30.27
CA ALA D 77 -8.96 16.82 30.78
C ALA D 77 -9.10 18.32 30.50
N LYS D 78 -8.04 19.08 30.69
CA LYS D 78 -8.05 20.52 30.41
C LYS D 78 -7.50 20.85 29.03
N ASN D 79 -7.13 19.82 28.25
CA ASN D 79 -6.63 20.01 26.89
C ASN D 79 -5.41 20.93 26.87
N THR D 80 -4.34 20.48 27.51
CA THR D 80 -3.16 21.33 27.65
C THR D 80 -1.91 20.48 27.80
N LEU D 81 -0.76 21.14 27.60
CA LEU D 81 0.55 20.51 27.67
C LEU D 81 1.46 21.37 28.53
N TYR D 82 2.37 20.73 29.27
CA TYR D 82 3.28 21.43 30.16
C TYR D 82 4.71 20.94 29.96
N LEU D 83 5.66 21.87 30.03
CA LEU D 83 7.08 21.56 30.01
C LEU D 83 7.76 22.31 31.14
N GLN D 84 8.27 21.56 32.12
CA GLN D 84 8.99 22.14 33.25
C GLN D 84 10.49 22.08 32.97
N MET D 85 11.17 23.21 33.11
CA MET D 85 12.58 23.35 32.80
C MET D 85 13.33 23.74 34.06
N ASN D 86 14.38 22.99 34.38
CA ASN D 86 15.18 23.21 35.58
C ASN D 86 16.66 23.21 35.22
N SER D 87 17.43 23.96 36.00
CA SER D 87 18.88 24.09 35.81
C SER D 87 19.20 24.54 34.39
N LEU D 88 18.62 25.69 34.01
CA LEU D 88 18.77 26.19 32.65
C LEU D 88 20.19 26.60 32.36
N LYS D 89 20.65 26.29 31.15
CA LYS D 89 21.96 26.65 30.65
C LYS D 89 21.87 27.82 29.68
N PRO D 90 22.95 28.56 29.47
CA PRO D 90 22.89 29.70 28.55
C PRO D 90 22.53 29.30 27.12
N GLU D 91 22.83 28.06 26.72
CA GLU D 91 22.46 27.58 25.39
C GLU D 91 20.97 27.32 25.26
N ASP D 92 20.21 27.40 26.35
CA ASP D 92 18.79 27.05 26.34
C ASP D 92 17.89 28.20 25.90
N THR D 93 18.45 29.40 25.67
CA THR D 93 17.64 30.51 25.18
C THR D 93 17.22 30.24 23.74
N ALA D 94 15.92 30.40 23.47
CA ALA D 94 15.36 30.07 22.16
C ALA D 94 13.92 30.57 22.12
N VAL D 95 13.20 30.20 21.07
CA VAL D 95 11.76 30.35 20.99
C VAL D 95 11.15 28.95 20.94
N TYR D 96 10.26 28.66 21.89
CA TYR D 96 9.73 27.32 22.06
C TYR D 96 8.37 27.20 21.38
N TYR D 97 8.26 26.28 20.45
CA TYR D 97 7.03 26.03 19.70
C TYR D 97 6.41 24.72 20.17
N CYS D 98 5.12 24.77 20.48
CA CYS D 98 4.36 23.59 20.91
C CYS D 98 3.66 23.00 19.68
N ALA D 99 4.41 22.26 18.89
CA ALA D 99 3.86 21.64 17.69
C ALA D 99 3.08 20.38 18.05
N ARG D 100 1.96 20.18 17.36
CA ARG D 100 1.15 18.98 17.54
C ARG D 100 1.35 18.08 16.33
N CYS D 101 0.57 17.01 16.26
CA CYS D 101 1.01 16.01 15.32
C CYS D 101 0.06 15.95 14.12
N PRO D 102 0.56 15.65 12.90
CA PRO D 102 -0.32 15.70 11.72
C PRO D 102 -1.49 14.75 11.77
N ALA D 103 -1.22 13.46 11.97
CA ALA D 103 -2.27 12.45 11.91
C ALA D 103 -2.46 11.80 13.28
N PRO D 104 -3.70 11.51 13.66
CA PRO D 104 -3.96 10.86 14.95
C PRO D 104 -3.76 9.35 14.86
N PHE D 105 -3.70 8.73 16.04
CA PHE D 105 -3.62 7.26 16.16
C PHE D 105 -2.44 6.70 15.40
N THR D 106 -1.32 7.42 15.45
CA THR D 106 -0.10 6.98 14.78
C THR D 106 1.06 7.05 15.77
N ARG D 107 1.84 5.97 15.82
CA ARG D 107 2.94 5.86 16.76
C ARG D 107 4.14 6.71 16.39
N ASP D 108 4.28 7.08 15.12
CA ASP D 108 5.37 7.92 14.66
C ASP D 108 4.81 9.24 14.15
N CYS D 109 5.33 10.35 14.67
CA CYS D 109 4.87 11.67 14.28
C CYS D 109 5.92 12.27 13.34
N PHE D 110 5.47 12.70 12.17
CA PHE D 110 6.34 12.83 11.01
C PHE D 110 6.29 14.26 10.48
N ASP D 111 7.46 14.82 10.16
CA ASP D 111 7.59 16.18 9.62
C ASP D 111 7.01 17.22 10.58
N VAL D 112 7.67 17.31 11.74
CA VAL D 112 7.27 18.27 12.78
C VAL D 112 8.17 19.50 12.82
N THR D 113 9.48 19.33 12.65
CA THR D 113 10.43 20.43 12.71
C THR D 113 10.57 21.15 11.37
N SER D 114 9.56 21.09 10.52
CA SER D 114 9.63 21.73 9.21
C SER D 114 9.68 23.24 9.36
N THR D 115 10.27 23.90 8.36
CA THR D 115 10.36 25.35 8.38
C THR D 115 8.97 25.99 8.36
N THR D 116 8.07 25.46 7.53
CA THR D 116 6.69 25.90 7.46
C THR D 116 5.80 24.72 7.83
N TYR D 117 5.15 24.81 8.99
CA TYR D 117 4.30 23.75 9.50
C TYR D 117 2.98 24.34 9.98
N ALA D 118 1.87 23.72 9.57
CA ALA D 118 0.56 24.28 9.85
C ALA D 118 0.14 24.09 11.30
N TYR D 119 0.34 22.91 11.87
CA TYR D 119 -0.16 22.57 13.20
C TYR D 119 0.91 22.89 14.23
N ARG D 120 1.25 24.17 14.32
CA ARG D 120 2.29 24.61 15.24
C ARG D 120 1.93 25.99 15.76
N GLY D 121 2.26 26.25 17.02
CA GLY D 121 1.88 27.51 17.65
C GLY D 121 2.77 28.66 17.26
N GLN D 122 2.41 29.85 17.76
CA GLN D 122 3.19 31.04 17.47
C GLN D 122 4.50 31.07 18.26
N GLY D 123 4.57 30.33 19.36
CA GLY D 123 5.80 30.19 20.11
C GLY D 123 5.93 31.23 21.21
N THR D 124 6.79 30.92 22.18
CA THR D 124 7.11 31.82 23.27
C THR D 124 8.62 31.88 23.44
N GLN D 125 9.14 33.05 23.74
CA GLN D 125 10.58 33.24 23.86
C GLN D 125 11.04 32.95 25.28
N VAL D 126 12.04 32.07 25.42
CA VAL D 126 12.68 31.79 26.69
C VAL D 126 14.10 32.32 26.60
N THR D 127 14.41 33.31 27.43
CA THR D 127 15.72 33.96 27.44
C THR D 127 16.37 33.77 28.80
N VAL D 128 17.61 33.29 28.79
CA VAL D 128 18.38 33.09 30.01
C VAL D 128 19.71 33.84 29.86
N SER D 129 20.05 34.64 30.86
CA SER D 129 21.27 35.43 30.85
C SER D 129 21.45 36.01 32.25
N SER D 130 22.50 36.82 32.41
CA SER D 130 22.78 37.47 33.69
C SER D 130 22.35 38.94 33.67
N ALA E 45 -13.66 -55.44 8.95
CA ALA E 45 -14.78 -54.53 9.09
C ALA E 45 -15.11 -53.86 7.77
N VAL E 46 -16.40 -53.86 7.41
CA VAL E 46 -16.86 -53.27 6.16
C VAL E 46 -17.73 -52.04 6.41
N ALA E 47 -18.53 -52.06 7.49
CA ALA E 47 -19.45 -50.94 7.75
C ALA E 47 -18.69 -49.64 8.00
N LEU E 48 -17.62 -49.70 8.80
CA LEU E 48 -16.80 -48.52 9.03
C LEU E 48 -16.06 -48.09 7.77
N ALA E 49 -15.65 -49.07 6.96
CA ALA E 49 -14.89 -48.77 5.75
C ALA E 49 -15.72 -47.96 4.75
N GLY E 50 -17.02 -48.26 4.65
CA GLY E 50 -17.86 -47.48 3.76
C GLY E 50 -18.02 -46.04 4.19
N ALA E 51 -18.19 -45.81 5.50
CA ALA E 51 -18.26 -44.45 6.01
C ALA E 51 -16.95 -43.71 5.78
N LEU E 52 -15.82 -44.40 5.97
CA LEU E 52 -14.53 -43.78 5.68
C LEU E 52 -14.41 -43.44 4.20
N LEU E 53 -14.87 -44.34 3.34
CA LEU E 53 -14.90 -44.07 1.90
C LEU E 53 -15.68 -42.78 1.60
N ALA E 54 -16.90 -42.70 2.12
CA ALA E 54 -17.75 -41.55 1.82
C ALA E 54 -17.14 -40.26 2.33
N LEU E 55 -16.64 -40.27 3.57
CA LEU E 55 -16.07 -39.06 4.14
C LEU E 55 -14.82 -38.63 3.39
N GLU E 56 -13.96 -39.60 3.02
CA GLU E 56 -12.75 -39.25 2.29
C GLU E 56 -13.06 -38.68 0.92
N VAL E 57 -14.01 -39.30 0.21
CA VAL E 57 -14.38 -38.80 -1.12
C VAL E 57 -14.95 -37.39 -1.02
N LEU E 58 -15.84 -37.17 -0.05
CA LEU E 58 -16.44 -35.85 0.11
C LEU E 58 -15.39 -34.81 0.45
N ALA E 59 -14.47 -35.16 1.37
CA ALA E 59 -13.42 -34.21 1.73
C ALA E 59 -12.53 -33.89 0.54
N THR E 60 -12.16 -34.91 -0.24
CA THR E 60 -11.31 -34.68 -1.40
C THR E 60 -11.98 -33.74 -2.40
N VAL E 61 -13.21 -34.06 -2.80
CA VAL E 61 -13.87 -33.26 -3.82
C VAL E 61 -14.13 -31.85 -3.32
N GLY E 62 -14.59 -31.73 -2.06
CA GLY E 62 -14.87 -30.41 -1.52
C GLY E 62 -13.63 -29.54 -1.42
N GLY E 63 -12.54 -30.11 -0.89
CA GLY E 63 -11.33 -29.33 -0.74
C GLY E 63 -10.76 -28.90 -2.08
N ASN E 64 -10.69 -29.82 -3.04
CA ASN E 64 -10.11 -29.47 -4.32
C ASN E 64 -10.98 -28.49 -5.08
N LEU E 65 -12.31 -28.66 -5.05
CA LEU E 65 -13.18 -27.69 -5.70
C LEU E 65 -13.07 -26.32 -5.04
N LEU E 66 -12.99 -26.29 -3.71
CA LEU E 66 -12.84 -25.01 -3.01
C LEU E 66 -11.55 -24.33 -3.41
N VAL E 67 -10.45 -25.08 -3.48
CA VAL E 67 -9.16 -24.49 -3.86
C VAL E 67 -9.22 -23.97 -5.29
N ILE E 68 -9.79 -24.75 -6.21
CA ILE E 68 -9.84 -24.33 -7.60
C ILE E 68 -10.69 -23.08 -7.76
N VAL E 69 -11.85 -23.03 -7.10
CA VAL E 69 -12.70 -21.85 -7.19
C VAL E 69 -12.01 -20.64 -6.56
N ALA E 70 -11.33 -20.84 -5.44
CA ALA E 70 -10.64 -19.72 -4.79
C ALA E 70 -9.55 -19.16 -5.69
N ILE E 71 -8.79 -20.02 -6.37
CA ILE E 71 -7.76 -19.53 -7.27
C ILE E 71 -8.37 -18.84 -8.48
N ALA E 72 -9.40 -19.44 -9.07
CA ALA E 72 -9.95 -18.91 -10.32
C ALA E 72 -10.66 -17.58 -10.10
N ARG E 73 -11.41 -17.46 -9.01
CA ARG E 73 -12.27 -16.31 -8.75
C ARG E 73 -11.67 -15.35 -7.72
N THR E 74 -10.34 -15.18 -7.77
CA THR E 74 -9.66 -14.20 -6.92
C THR E 74 -8.40 -13.75 -7.64
N PRO E 75 -8.38 -12.53 -8.18
CA PRO E 75 -7.18 -12.03 -8.87
C PRO E 75 -5.96 -11.94 -7.95
N ARG E 76 -6.17 -11.75 -6.65
CA ARG E 76 -5.04 -11.66 -5.72
C ARG E 76 -4.24 -12.95 -5.67
N LEU E 77 -4.94 -14.09 -5.68
CA LEU E 77 -4.30 -15.38 -5.50
C LEU E 77 -3.64 -15.91 -6.76
N GLN E 78 -3.82 -15.25 -7.90
CA GLN E 78 -3.25 -15.74 -9.17
C GLN E 78 -1.73 -15.47 -9.17
N THR E 79 -1.02 -16.29 -8.40
CA THR E 79 0.42 -16.20 -8.28
C THR E 79 1.05 -17.24 -9.21
N MET E 80 2.35 -17.11 -9.47
CA MET E 80 3.03 -18.07 -10.34
C MET E 80 3.06 -19.47 -9.74
N THR E 81 3.12 -19.58 -8.42
CA THR E 81 3.05 -20.90 -7.77
C THR E 81 1.61 -21.41 -7.71
N ASN E 82 0.64 -20.53 -7.83
CA ASN E 82 -0.75 -20.94 -7.69
C ASN E 82 -1.27 -21.64 -8.93
N VAL E 83 -0.60 -21.51 -10.08
CA VAL E 83 -0.95 -22.36 -11.21
C VAL E 83 -0.54 -23.80 -10.93
N PHE E 84 0.60 -24.00 -10.27
CA PHE E 84 0.97 -25.34 -9.82
C PHE E 84 -0.01 -25.85 -8.77
N VAL E 85 -0.45 -24.97 -7.86
CA VAL E 85 -1.44 -25.35 -6.87
C VAL E 85 -2.75 -25.77 -7.55
N THR E 86 -3.14 -25.04 -8.60
CA THR E 86 -4.35 -25.37 -9.35
C THR E 86 -4.21 -26.72 -10.05
N SER E 87 -3.04 -26.99 -10.64
CA SER E 87 -2.81 -28.29 -11.26
C SER E 87 -2.91 -29.41 -10.23
N LEU E 88 -2.32 -29.20 -9.05
CA LEU E 88 -2.40 -30.20 -7.99
C LEU E 88 -3.85 -30.42 -7.56
N ALA E 89 -4.60 -29.34 -7.39
CA ALA E 89 -6.00 -29.46 -7.00
C ALA E 89 -6.81 -30.20 -8.04
N THR E 90 -6.56 -29.92 -9.33
CA THR E 90 -7.26 -30.62 -10.40
C THR E 90 -6.94 -32.12 -10.37
N ALA E 91 -5.66 -32.47 -10.20
CA ALA E 91 -5.28 -33.87 -10.18
C ALA E 91 -5.93 -34.59 -9.00
N ASP E 92 -5.90 -33.97 -7.82
CA ASP E 92 -6.50 -34.60 -6.65
C ASP E 92 -8.02 -34.71 -6.78
N LEU E 93 -8.66 -33.70 -7.39
CA LEU E 93 -10.09 -33.76 -7.60
C LEU E 93 -10.47 -34.90 -8.54
N VAL E 94 -9.72 -35.06 -9.64
CA VAL E 94 -10.02 -36.16 -10.55
C VAL E 94 -9.76 -37.50 -9.88
N VAL E 95 -8.72 -37.58 -9.04
CA VAL E 95 -8.47 -38.79 -8.26
C VAL E 95 -9.70 -39.13 -7.41
N GLY E 96 -10.13 -38.18 -6.59
CA GLY E 96 -11.24 -38.42 -5.69
C GLY E 96 -12.55 -38.65 -6.41
N LEU E 97 -12.67 -38.17 -7.66
CA LEU E 97 -13.92 -38.29 -8.38
C LEU E 97 -14.03 -39.61 -9.13
N LEU E 98 -12.95 -40.03 -9.80
CA LEU E 98 -13.02 -41.18 -10.70
C LEU E 98 -12.28 -42.41 -10.19
N VAL E 99 -11.26 -42.24 -9.35
CA VAL E 99 -10.44 -43.39 -8.98
C VAL E 99 -10.86 -43.95 -7.62
N VAL E 100 -11.05 -43.08 -6.64
CA VAL E 100 -11.26 -43.53 -5.27
C VAL E 100 -12.52 -44.40 -5.12
N PRO E 101 -13.68 -44.01 -5.64
CA PRO E 101 -14.88 -44.85 -5.44
C PRO E 101 -14.73 -46.23 -6.05
N PRO E 102 -14.37 -46.37 -7.34
CA PRO E 102 -14.21 -47.73 -7.89
C PRO E 102 -13.10 -48.52 -7.21
N GLY E 103 -11.99 -47.87 -6.87
CA GLY E 103 -10.91 -48.58 -6.22
C GLY E 103 -11.30 -49.11 -4.85
N ALA E 104 -11.97 -48.28 -4.05
CA ALA E 104 -12.38 -48.71 -2.72
C ALA E 104 -13.49 -49.73 -2.80
N THR E 105 -14.36 -49.63 -3.81
CA THR E 105 -15.38 -50.65 -4.01
C THR E 105 -14.74 -52.00 -4.32
N LEU E 106 -13.73 -52.00 -5.20
CA LEU E 106 -13.01 -53.23 -5.50
C LEU E 106 -12.30 -53.78 -4.27
N ALA E 107 -11.72 -52.89 -3.45
CA ALA E 107 -11.04 -53.33 -2.24
C ALA E 107 -12.02 -53.95 -1.25
N LEU E 108 -13.19 -53.34 -1.07
CA LEU E 108 -14.15 -53.84 -0.09
C LEU E 108 -14.79 -55.14 -0.56
N THR E 109 -15.23 -55.19 -1.82
CA THR E 109 -15.83 -56.39 -2.39
C THR E 109 -14.91 -56.86 -3.52
N GLY E 110 -14.38 -58.07 -3.38
CA GLY E 110 -13.43 -58.59 -4.34
C GLY E 110 -14.05 -58.96 -5.67
N ARG E 111 -14.71 -58.00 -6.31
CA ARG E 111 -15.33 -58.21 -7.62
C ARG E 111 -15.43 -56.87 -8.32
N TRP E 112 -14.85 -56.80 -9.51
CA TRP E 112 -14.87 -55.56 -10.28
C TRP E 112 -16.28 -55.29 -10.79
N PRO E 113 -16.90 -54.17 -10.44
CA PRO E 113 -18.27 -53.90 -10.89
C PRO E 113 -18.39 -53.44 -12.33
N LEU E 114 -17.30 -53.42 -13.09
CA LEU E 114 -17.36 -53.00 -14.48
C LEU E 114 -16.72 -54.05 -15.39
N GLY E 115 -16.53 -53.73 -16.66
CA GLY E 115 -15.96 -54.64 -17.63
C GLY E 115 -14.45 -54.50 -17.74
N ALA E 116 -13.89 -55.22 -18.71
CA ALA E 116 -12.46 -55.14 -18.97
C ALA E 116 -12.07 -53.74 -19.45
N THR E 117 -12.89 -53.16 -20.32
CA THR E 117 -12.63 -51.79 -20.79
C THR E 117 -12.71 -50.81 -19.63
N GLY E 118 -13.69 -50.98 -18.75
CA GLY E 118 -13.78 -50.12 -17.58
C GLY E 118 -12.56 -50.26 -16.67
N CYS E 119 -12.10 -51.48 -16.45
CA CYS E 119 -10.91 -51.69 -15.63
C CYS E 119 -9.68 -51.03 -16.27
N GLU E 120 -9.53 -51.19 -17.59
CA GLU E 120 -8.39 -50.58 -18.28
C GLU E 120 -8.43 -49.07 -18.17
N LEU E 121 -9.60 -48.47 -18.40
CA LEU E 121 -9.74 -47.02 -18.30
C LEU E 121 -9.47 -46.54 -16.88
N TRP E 122 -9.99 -47.27 -15.88
CA TRP E 122 -9.77 -46.90 -14.49
C TRP E 122 -8.29 -46.95 -14.12
N THR E 123 -7.59 -48.00 -14.56
CA THR E 123 -6.16 -48.10 -14.28
C THR E 123 -5.40 -46.97 -14.97
N SER E 124 -5.74 -46.66 -16.21
CA SER E 124 -5.06 -45.60 -16.94
C SER E 124 -5.25 -44.25 -16.25
N VAL E 125 -6.49 -43.93 -15.87
CA VAL E 125 -6.75 -42.65 -15.22
C VAL E 125 -6.11 -42.61 -13.83
N ASP E 126 -6.07 -43.75 -13.14
CA ASP E 126 -5.40 -43.82 -11.85
C ASP E 126 -3.93 -43.47 -11.97
N VAL E 127 -3.24 -44.12 -12.91
CA VAL E 127 -1.82 -43.85 -13.10
C VAL E 127 -1.61 -42.39 -13.51
N LEU E 128 -2.45 -41.90 -14.43
CA LEU E 128 -2.32 -40.51 -14.89
C LEU E 128 -2.44 -39.53 -13.73
N CYS E 129 -3.52 -39.62 -12.96
CA CYS E 129 -3.81 -38.63 -11.93
C CYS E 129 -3.05 -38.87 -10.64
N VAL E 130 -2.35 -39.99 -10.49
CA VAL E 130 -1.40 -40.16 -9.41
C VAL E 130 -0.02 -39.66 -9.79
N THR E 131 0.44 -39.91 -11.02
CA THR E 131 1.71 -39.35 -11.46
C THR E 131 1.66 -37.82 -11.53
N ALA E 132 0.55 -37.27 -12.02
CA ALA E 132 0.45 -35.82 -12.16
C ALA E 132 0.55 -35.12 -10.82
N SER E 133 -0.11 -35.66 -9.79
CA SER E 133 -0.11 -35.01 -8.48
C SER E 133 1.29 -34.95 -7.89
N ILE E 134 2.03 -36.05 -7.96
CA ILE E 134 3.39 -36.06 -7.39
C ILE E 134 4.32 -35.19 -8.21
N GLU E 135 4.19 -35.22 -9.54
CA GLU E 135 5.04 -34.39 -10.37
C GLU E 135 4.78 -32.91 -10.14
N THR E 136 3.52 -32.52 -9.94
CA THR E 136 3.25 -31.12 -9.67
C THR E 136 3.64 -30.74 -8.24
N LEU E 137 3.65 -31.69 -7.31
CA LEU E 137 4.25 -31.42 -6.00
C LEU E 137 5.74 -31.13 -6.13
N CYS E 138 6.43 -31.91 -6.96
CA CYS E 138 7.84 -31.64 -7.22
C CYS E 138 8.02 -30.27 -7.89
N ALA E 139 7.11 -29.92 -8.80
CA ALA E 139 7.17 -28.60 -9.44
C ALA E 139 6.98 -27.48 -8.43
N LEU E 140 6.05 -27.66 -7.48
CA LEU E 140 5.86 -26.67 -6.43
C LEU E 140 7.12 -26.52 -5.58
N ALA E 141 7.75 -27.66 -5.22
CA ALA E 141 8.97 -27.61 -4.44
C ALA E 141 10.08 -26.87 -5.19
N VAL E 142 10.22 -27.15 -6.48
CA VAL E 142 11.24 -26.47 -7.27
C VAL E 142 10.93 -24.97 -7.37
N ASP E 143 9.66 -24.62 -7.50
CA ASP E 143 9.28 -23.22 -7.58
C ASP E 143 9.67 -22.47 -6.30
N ARG E 144 9.35 -23.03 -5.14
CA ARG E 144 9.70 -22.34 -3.91
C ARG E 144 11.21 -22.36 -3.68
N TYR E 145 11.90 -23.41 -4.12
CA TYR E 145 13.36 -23.42 -4.04
C TYR E 145 13.96 -22.28 -4.84
N LEU E 146 13.47 -22.07 -6.07
CA LEU E 146 13.95 -20.95 -6.88
C LEU E 146 13.62 -19.62 -6.22
N ALA E 147 12.39 -19.49 -5.70
CA ALA E 147 11.98 -18.23 -5.08
C ALA E 147 12.82 -17.90 -3.85
N VAL E 148 13.28 -18.93 -3.13
CA VAL E 148 14.05 -18.69 -1.91
C VAL E 148 15.53 -18.48 -2.22
N THR E 149 16.13 -19.32 -3.05
CA THR E 149 17.57 -19.26 -3.27
C THR E 149 17.98 -18.39 -4.44
N ASN E 150 17.03 -17.78 -5.14
CA ASN E 150 17.35 -16.85 -6.21
C ASN E 150 16.28 -15.76 -6.22
N PRO E 151 16.20 -14.94 -5.17
CA PRO E 151 15.02 -14.06 -5.05
C PRO E 151 15.05 -12.86 -5.99
N LEU E 152 16.23 -12.30 -6.26
CA LEU E 152 16.31 -11.11 -7.11
C LEU E 152 15.88 -11.42 -8.54
N ARG E 153 16.32 -12.56 -9.08
CA ARG E 153 16.03 -12.93 -10.46
C ARG E 153 14.77 -13.76 -10.60
N TYR E 154 14.10 -14.09 -9.49
CA TYR E 154 12.91 -14.94 -9.57
C TYR E 154 11.76 -14.23 -10.25
N GLY E 155 11.71 -12.90 -10.19
CA GLY E 155 10.64 -12.18 -10.83
C GLY E 155 10.65 -12.32 -12.35
N ALA E 156 11.84 -12.29 -12.95
CA ALA E 156 11.99 -12.43 -14.39
C ALA E 156 12.32 -13.85 -14.82
N LEU E 157 12.53 -14.77 -13.88
CA LEU E 157 12.83 -16.15 -14.24
C LEU E 157 11.55 -16.96 -14.40
N VAL E 158 10.72 -16.99 -13.36
CA VAL E 158 9.46 -17.73 -13.41
C VAL E 158 8.37 -16.77 -13.87
N THR E 159 7.90 -16.96 -15.11
CA THR E 159 6.81 -16.20 -15.67
C THR E 159 5.56 -17.05 -15.75
N LYS E 160 4.43 -16.39 -16.01
CA LYS E 160 3.16 -17.12 -16.13
C LYS E 160 3.19 -18.10 -17.30
N ARG E 161 3.74 -17.66 -18.44
CA ARG E 161 3.84 -18.54 -19.60
C ARG E 161 4.72 -19.75 -19.30
N ARG E 162 5.86 -19.51 -18.66
CA ARG E 162 6.76 -20.62 -18.32
C ARG E 162 6.10 -21.58 -17.34
N ALA E 163 5.38 -21.05 -16.35
CA ALA E 163 4.72 -21.91 -15.37
C ALA E 163 3.63 -22.76 -16.03
N ARG E 164 2.84 -22.15 -16.91
CA ARG E 164 1.80 -22.91 -17.61
C ARG E 164 2.41 -23.94 -18.54
N ALA E 165 3.51 -23.60 -19.20
CA ALA E 165 4.20 -24.58 -20.04
C ALA E 165 4.72 -25.75 -19.21
N ALA E 166 5.26 -25.46 -18.03
CA ALA E 166 5.72 -26.53 -17.15
C ALA E 166 4.57 -27.42 -16.70
N VAL E 167 3.42 -26.82 -16.37
CA VAL E 167 2.26 -27.61 -15.96
C VAL E 167 1.80 -28.51 -17.11
N VAL E 168 1.75 -27.95 -18.32
CA VAL E 168 1.34 -28.72 -19.48
C VAL E 168 2.31 -29.86 -19.74
N LEU E 169 3.62 -29.60 -19.61
CA LEU E 169 4.61 -30.66 -19.81
C LEU E 169 4.47 -31.75 -18.75
N VAL E 170 4.18 -31.37 -17.51
CA VAL E 170 3.95 -32.35 -16.45
C VAL E 170 2.77 -33.24 -16.81
N TRP E 171 1.66 -32.65 -17.24
CA TRP E 171 0.51 -33.45 -17.61
C TRP E 171 0.79 -34.32 -18.83
N VAL E 172 1.59 -33.81 -19.77
CA VAL E 172 1.91 -34.57 -20.96
C VAL E 172 2.73 -35.81 -20.61
N VAL E 173 3.75 -35.65 -19.78
CA VAL E 173 4.59 -36.80 -19.42
C VAL E 173 3.80 -37.78 -18.55
N SER E 174 2.91 -37.26 -17.70
CA SER E 174 2.07 -38.15 -16.90
C SER E 174 1.15 -38.98 -17.79
N ALA E 175 0.54 -38.35 -18.80
CA ALA E 175 -0.30 -39.09 -19.73
C ALA E 175 0.51 -40.09 -20.54
N ALA E 176 1.72 -39.70 -20.94
CA ALA E 176 2.57 -40.62 -21.72
C ALA E 176 2.93 -41.86 -20.91
N VAL E 177 3.24 -41.69 -19.63
CA VAL E 177 3.59 -42.85 -18.82
C VAL E 177 2.34 -43.63 -18.41
N SER E 178 1.18 -42.97 -18.36
CA SER E 178 -0.04 -43.65 -17.95
C SER E 178 -0.63 -44.49 -19.07
N PHE E 179 -0.54 -44.01 -20.31
CA PHE E 179 -1.20 -44.65 -21.43
C PHE E 179 -0.31 -45.66 -22.15
N ALA E 180 0.81 -46.06 -21.54
CA ALA E 180 1.62 -47.12 -22.12
C ALA E 180 0.88 -48.46 -22.23
N PRO E 181 0.17 -48.95 -21.21
CA PRO E 181 -0.55 -50.23 -21.40
C PRO E 181 -1.66 -50.15 -22.42
N ILE E 182 -2.19 -48.95 -22.69
CA ILE E 182 -3.23 -48.80 -23.71
C ILE E 182 -2.70 -49.23 -25.07
N MET E 183 -1.49 -48.76 -25.43
CA MET E 183 -0.88 -49.19 -26.68
C MET E 183 -0.55 -50.68 -26.63
N SER E 184 -0.06 -51.17 -25.49
CA SER E 184 0.27 -52.57 -25.33
C SER E 184 -0.98 -53.43 -25.24
N GLU E 194 -1.18 -65.40 -9.80
CA GLU E 194 -1.85 -64.25 -10.41
C GLU E 194 -1.16 -63.86 -11.72
N ALA E 195 -0.39 -64.80 -12.28
CA ALA E 195 0.30 -64.53 -13.53
C ALA E 195 -0.68 -64.58 -14.70
N GLN E 196 -0.73 -63.48 -15.46
CA GLN E 196 -1.61 -63.33 -16.64
C GLN E 196 -3.00 -63.91 -16.41
N ARG E 197 -3.55 -63.66 -15.21
CA ARG E 197 -4.87 -64.15 -14.85
C ARG E 197 -5.93 -63.07 -15.00
N CYS E 198 -5.76 -61.94 -14.32
CA CYS E 198 -6.74 -60.86 -14.43
C CYS E 198 -6.82 -60.28 -15.83
N HIS E 199 -5.74 -60.40 -16.62
CA HIS E 199 -5.79 -59.97 -18.02
C HIS E 199 -6.78 -60.79 -18.83
N SER E 200 -7.20 -61.94 -18.33
CA SER E 200 -8.24 -62.74 -18.97
C SER E 200 -9.64 -62.31 -18.59
N ASN E 201 -9.76 -61.20 -17.86
CA ASN E 201 -11.04 -60.63 -17.40
C ASN E 201 -11.87 -61.63 -16.59
N PRO E 202 -11.37 -62.08 -15.42
CA PRO E 202 -12.24 -62.82 -14.50
C PRO E 202 -13.09 -61.90 -13.64
N HIS E 203 -13.22 -60.64 -14.09
CA HIS E 203 -13.87 -59.56 -13.36
C HIS E 203 -13.03 -59.14 -12.17
N CYS E 204 -11.70 -59.14 -12.35
CA CYS E 204 -10.77 -58.60 -11.37
C CYS E 204 -9.89 -57.56 -12.03
N CYS E 205 -9.64 -56.46 -11.32
CA CYS E 205 -8.81 -55.36 -11.81
C CYS E 205 -7.60 -55.25 -10.88
N ALA E 206 -6.58 -56.06 -11.14
CA ALA E 206 -5.38 -56.09 -10.32
C ALA E 206 -4.33 -55.16 -10.92
N PHE E 207 -3.10 -55.26 -10.43
CA PHE E 207 -1.96 -54.50 -10.95
C PHE E 207 -0.90 -55.45 -11.47
N ALA E 208 -1.34 -56.45 -12.24
CA ALA E 208 -0.44 -57.44 -12.82
C ALA E 208 0.25 -56.84 -14.03
N SER E 209 1.29 -56.06 -13.75
CA SER E 209 2.08 -55.40 -14.78
C SER E 209 3.48 -56.02 -14.84
N ASN E 210 4.12 -55.87 -16.01
CA ASN E 210 5.46 -56.41 -16.18
C ASN E 210 6.45 -55.65 -15.31
N ILE E 211 7.55 -56.33 -14.97
CA ILE E 211 8.57 -55.73 -14.11
C ILE E 211 9.15 -54.45 -14.70
N PRO E 212 9.55 -54.39 -15.98
CA PRO E 212 10.09 -53.13 -16.50
C PRO E 212 9.12 -51.97 -16.41
N TYR E 213 7.87 -52.16 -16.84
CA TYR E 213 6.90 -51.07 -16.77
C TYR E 213 6.64 -50.66 -15.33
N ALA E 214 6.52 -51.65 -14.43
CA ALA E 214 6.25 -51.32 -13.03
C ALA E 214 7.38 -50.48 -12.44
N LEU E 215 8.63 -50.89 -12.69
CA LEU E 215 9.77 -50.14 -12.16
C LEU E 215 9.85 -48.75 -12.76
N LEU E 216 9.67 -48.64 -14.08
CA LEU E 216 9.75 -47.33 -14.72
C LEU E 216 8.64 -46.39 -14.26
N SER E 217 7.42 -46.90 -14.17
CA SER E 217 6.31 -46.08 -13.72
C SER E 217 6.51 -45.64 -12.27
N SER E 218 6.99 -46.54 -11.42
CA SER E 218 7.25 -46.17 -10.03
C SER E 218 8.34 -45.10 -9.95
N SER E 219 9.41 -45.26 -10.74
CA SER E 219 10.50 -44.29 -10.70
C SER E 219 10.05 -42.92 -11.18
N VAL E 220 9.28 -42.88 -12.26
CA VAL E 220 8.83 -41.59 -12.79
C VAL E 220 7.81 -40.94 -11.86
N SER E 221 6.88 -41.75 -11.33
CA SER E 221 5.80 -41.17 -10.53
C SER E 221 6.24 -40.78 -9.14
N PHE E 222 7.14 -41.55 -8.51
CA PHE E 222 7.47 -41.32 -7.11
C PHE E 222 8.93 -41.02 -6.87
N TYR E 223 9.85 -41.83 -7.41
CA TYR E 223 11.23 -41.81 -6.93
C TYR E 223 11.95 -40.53 -7.33
N LEU E 224 11.88 -40.14 -8.62
CA LEU E 224 12.55 -38.92 -9.04
C LEU E 224 11.92 -37.68 -8.41
N PRO E 225 10.59 -37.50 -8.39
CA PRO E 225 10.02 -36.38 -7.64
C PRO E 225 10.43 -36.38 -6.18
N LEU E 226 10.49 -37.54 -5.54
CA LEU E 226 10.90 -37.60 -4.14
C LEU E 226 12.33 -37.13 -3.96
N LEU E 227 13.23 -37.58 -4.83
CA LEU E 227 14.64 -37.17 -4.73
C LEU E 227 14.78 -35.67 -4.93
N VAL E 228 14.10 -35.12 -5.94
CA VAL E 228 14.20 -33.69 -6.20
C VAL E 228 13.63 -32.90 -5.02
N MET E 229 12.48 -33.34 -4.49
CA MET E 229 11.87 -32.65 -3.36
C MET E 229 12.79 -32.69 -2.15
N LEU E 230 13.40 -33.84 -1.87
CA LEU E 230 14.30 -33.94 -0.73
C LEU E 230 15.48 -32.99 -0.89
N PHE E 231 16.08 -32.95 -2.08
CA PHE E 231 17.22 -32.06 -2.30
C PHE E 231 16.83 -30.59 -2.10
N VAL E 232 15.78 -30.16 -2.79
CA VAL E 232 15.42 -28.75 -2.74
C VAL E 232 14.95 -28.36 -1.34
N TYR E 233 14.26 -29.26 -0.64
CA TYR E 233 13.78 -28.95 0.70
C TYR E 233 14.92 -28.95 1.71
N ALA E 234 15.94 -29.79 1.53
CA ALA E 234 17.11 -29.70 2.39
C ALA E 234 17.82 -28.37 2.21
N ARG E 235 18.00 -27.95 0.95
CA ARG E 235 18.63 -26.65 0.71
C ARG E 235 17.82 -25.51 1.31
N VAL E 236 16.50 -25.53 1.09
CA VAL E 236 15.64 -24.47 1.60
C VAL E 236 15.63 -24.47 3.12
N PHE E 237 15.67 -25.65 3.74
CA PHE E 237 15.73 -25.74 5.20
C PHE E 237 17.03 -25.14 5.72
N LEU E 238 18.16 -25.43 5.06
CA LEU E 238 19.41 -24.85 5.50
C LEU E 238 19.37 -23.32 5.42
N VAL E 239 18.84 -22.79 4.31
CA VAL E 239 18.74 -21.34 4.17
C VAL E 239 17.83 -20.75 5.24
N ALA E 240 16.69 -21.40 5.49
CA ALA E 240 15.74 -20.88 6.47
C ALA E 240 16.32 -20.89 7.88
N THR E 241 17.03 -21.96 8.24
CA THR E 241 17.64 -21.99 9.57
C THR E 241 18.76 -20.97 9.70
N ARG E 242 19.54 -20.77 8.64
CA ARG E 242 20.56 -19.72 8.68
C ARG E 242 19.92 -18.35 8.91
N GLN E 243 18.85 -18.05 8.17
CA GLN E 243 18.16 -16.77 8.35
C GLN E 243 17.56 -16.66 9.74
N LEU E 244 17.00 -17.75 10.26
CA LEU E 244 16.40 -17.71 11.58
C LEU E 244 17.44 -17.47 12.66
N ARG E 245 18.60 -18.10 12.56
CA ARG E 245 19.67 -17.86 13.53
C ARG E 245 20.18 -16.43 13.44
N LEU E 246 20.33 -15.90 12.22
CA LEU E 246 20.74 -14.51 12.08
C LEU E 246 19.71 -13.57 12.69
N LEU E 247 18.42 -13.83 12.46
CA LEU E 247 17.37 -13.00 13.05
C LEU E 247 17.38 -13.09 14.57
N ARG E 248 17.61 -14.29 15.11
CA ARG E 248 17.68 -14.44 16.56
C ARG E 248 18.84 -13.65 17.13
N ARG E 249 19.99 -13.67 16.45
CA ARG E 249 21.14 -12.90 16.91
C ARG E 249 20.87 -11.39 16.85
N GLU E 250 20.28 -10.93 15.74
CA GLU E 250 20.09 -9.49 15.56
C GLU E 250 19.01 -8.93 16.48
N LEU E 251 17.90 -9.65 16.64
CA LEU E 251 16.76 -9.14 17.40
C LEU E 251 16.96 -9.23 18.91
N GLY E 252 17.97 -9.95 19.37
CA GLY E 252 18.24 -10.09 20.79
C GLY E 252 19.33 -9.21 21.35
N ARG E 253 19.80 -8.20 20.60
CA ARG E 253 20.87 -7.36 21.10
C ARG E 253 20.40 -6.43 22.21
N PHE E 254 19.13 -6.05 22.20
CA PHE E 254 18.59 -5.12 23.19
C PHE E 254 17.36 -5.74 23.85
N PRO E 255 17.26 -5.71 25.19
CA PRO E 255 16.13 -6.29 25.93
C PRO E 255 14.80 -5.65 25.59
N GLU E 296 10.66 -19.30 17.43
CA GLU E 296 10.73 -20.75 17.39
C GLU E 296 10.97 -21.26 15.97
N HIS E 297 11.11 -22.58 15.83
CA HIS E 297 11.40 -23.20 14.54
C HIS E 297 10.08 -23.45 13.82
N ARG E 298 9.76 -22.57 12.87
CA ARG E 298 8.57 -22.74 12.03
C ARG E 298 8.90 -23.43 10.73
N ALA E 299 10.08 -23.16 10.16
CA ALA E 299 10.49 -23.84 8.93
C ALA E 299 10.60 -25.34 9.15
N LEU E 300 11.15 -25.74 10.29
CA LEU E 300 11.21 -27.16 10.62
C LEU E 300 9.81 -27.78 10.64
N ARG E 301 8.87 -27.13 11.32
CA ARG E 301 7.52 -27.68 11.41
C ARG E 301 6.88 -27.79 10.03
N THR E 302 6.96 -26.72 9.22
CA THR E 302 6.29 -26.74 7.92
C THR E 302 6.91 -27.76 6.98
N LEU E 303 8.24 -27.74 6.83
CA LEU E 303 8.88 -28.67 5.92
C LEU E 303 8.72 -30.11 6.40
N GLY E 304 8.81 -30.33 7.71
CA GLY E 304 8.59 -31.66 8.24
C GLY E 304 7.19 -32.15 7.96
N LEU E 305 6.19 -31.29 8.14
CA LEU E 305 4.82 -31.69 7.86
C LEU E 305 4.67 -32.08 6.39
N ILE E 306 5.17 -31.24 5.49
CA ILE E 306 5.01 -31.50 4.05
C ILE E 306 5.69 -32.81 3.67
N VAL E 307 6.99 -32.93 3.96
CA VAL E 307 7.75 -34.10 3.54
C VAL E 307 7.24 -35.35 4.24
N GLY E 308 6.89 -35.23 5.53
CA GLY E 308 6.43 -36.39 6.27
C GLY E 308 5.10 -36.93 5.76
N THR E 309 4.15 -36.05 5.47
CA THR E 309 2.89 -36.54 4.93
C THR E 309 3.11 -37.15 3.54
N PHE E 310 3.88 -36.47 2.69
CA PHE E 310 4.08 -36.96 1.33
C PHE E 310 4.82 -38.29 1.32
N THR E 311 5.71 -38.51 2.28
CA THR E 311 6.44 -39.78 2.36
C THR E 311 5.62 -40.87 3.02
N LEU E 312 5.11 -40.62 4.23
CA LEU E 312 4.34 -41.62 4.94
C LEU E 312 3.10 -42.06 4.19
N CYS E 313 2.60 -41.26 3.25
CA CYS E 313 1.38 -41.67 2.57
C CYS E 313 1.63 -42.36 1.23
N TRP E 314 2.81 -42.18 0.62
CA TRP E 314 3.08 -42.78 -0.68
C TRP E 314 4.24 -43.76 -0.70
N LEU E 315 5.27 -43.56 0.11
CA LEU E 315 6.40 -44.48 0.16
C LEU E 315 6.00 -45.93 0.42
N PRO E 316 5.10 -46.25 1.37
CA PRO E 316 4.73 -47.66 1.57
C PRO E 316 4.24 -48.34 0.31
N PHE E 317 3.30 -47.71 -0.40
CA PHE E 317 2.76 -48.34 -1.61
C PHE E 317 3.83 -48.55 -2.66
N PHE E 318 4.69 -47.56 -2.86
CA PHE E 318 5.65 -47.66 -3.95
C PHE E 318 6.76 -48.66 -3.62
N VAL E 319 7.20 -48.73 -2.37
CA VAL E 319 8.18 -49.74 -2.01
C VAL E 319 7.57 -51.14 -2.09
N ALA E 320 6.29 -51.27 -1.70
CA ALA E 320 5.62 -52.56 -1.83
C ALA E 320 5.48 -52.97 -3.28
N ASN E 321 5.13 -52.01 -4.15
CA ASN E 321 5.00 -52.29 -5.58
C ASN E 321 6.35 -52.68 -6.18
N VAL E 322 7.42 -52.01 -5.78
CA VAL E 322 8.75 -52.36 -6.28
C VAL E 322 9.13 -53.76 -5.83
N MET E 323 8.88 -54.09 -4.55
CA MET E 323 9.22 -55.41 -4.06
C MET E 323 8.40 -56.49 -4.75
N ARG E 324 7.12 -56.23 -5.01
CA ARG E 324 6.30 -57.18 -5.76
C ARG E 324 6.83 -57.36 -7.17
N ALA E 325 7.23 -56.27 -7.82
CA ALA E 325 7.76 -56.37 -9.17
C ALA E 325 9.04 -57.19 -9.21
N LEU E 326 9.94 -56.98 -8.25
CA LEU E 326 11.16 -57.78 -8.19
C LEU E 326 10.85 -59.24 -7.86
N GLY E 327 9.87 -59.47 -7.00
CA GLY E 327 9.51 -60.82 -6.62
C GLY E 327 8.20 -61.30 -7.21
N GLY E 328 7.17 -61.40 -6.38
CA GLY E 328 5.89 -61.90 -6.82
C GLY E 328 4.82 -61.79 -5.76
N PRO E 329 3.72 -62.53 -5.94
CA PRO E 329 2.60 -62.46 -4.99
C PRO E 329 2.96 -62.92 -3.58
N SER E 330 4.04 -63.68 -3.42
CA SER E 330 4.40 -64.19 -2.10
C SER E 330 4.77 -63.06 -1.14
N LEU E 331 5.53 -62.07 -1.63
CA LEU E 331 6.03 -61.02 -0.75
C LEU E 331 4.91 -60.10 -0.29
N VAL E 332 4.08 -59.61 -1.21
CA VAL E 332 3.07 -58.60 -0.91
C VAL E 332 1.72 -59.05 -1.44
N PRO E 333 0.68 -59.15 -0.60
CA PRO E 333 -0.64 -59.51 -1.10
C PRO E 333 -1.35 -58.34 -1.77
N SER E 334 -2.26 -58.70 -2.70
CA SER E 334 -3.08 -57.69 -3.36
C SER E 334 -3.95 -56.88 -2.39
N PRO E 335 -4.57 -57.44 -1.35
CA PRO E 335 -5.25 -56.56 -0.39
C PRO E 335 -4.32 -55.56 0.27
N ALA E 336 -3.08 -55.94 0.56
CA ALA E 336 -2.12 -54.98 1.09
C ALA E 336 -1.83 -53.87 0.08
N LEU E 337 -1.63 -54.25 -1.19
CA LEU E 337 -1.42 -53.24 -2.21
C LEU E 337 -2.61 -52.28 -2.30
N LEU E 338 -3.83 -52.81 -2.23
CA LEU E 338 -5.01 -51.97 -2.34
C LEU E 338 -5.14 -51.05 -1.13
N ALA E 339 -4.79 -51.54 0.06
CA ALA E 339 -4.80 -50.69 1.25
C ALA E 339 -3.79 -49.56 1.12
N LEU E 340 -2.59 -49.86 0.61
CA LEU E 340 -1.60 -48.80 0.44
C LEU E 340 -2.01 -47.81 -0.64
N ASN E 341 -2.70 -48.28 -1.68
CA ASN E 341 -3.26 -47.36 -2.67
C ASN E 341 -4.31 -46.46 -2.05
N TRP E 342 -5.14 -47.01 -1.17
CA TRP E 342 -6.10 -46.17 -0.45
C TRP E 342 -5.38 -45.14 0.41
N LEU E 343 -4.24 -45.52 0.98
CA LEU E 343 -3.43 -44.55 1.73
C LEU E 343 -2.93 -43.43 0.82
N GLY E 344 -2.50 -43.78 -0.39
CA GLY E 344 -2.09 -42.75 -1.33
C GLY E 344 -3.24 -41.83 -1.72
N TYR E 345 -4.42 -42.40 -1.90
CA TYR E 345 -5.60 -41.56 -2.17
C TYR E 345 -5.91 -40.67 -0.97
N ALA E 346 -5.65 -41.15 0.23
CA ALA E 346 -5.78 -40.31 1.42
C ALA E 346 -4.79 -39.14 1.36
N ASN E 347 -3.58 -39.41 0.84
CA ASN E 347 -2.63 -38.31 0.63
C ASN E 347 -3.20 -37.28 -0.35
N SER E 348 -3.79 -37.76 -1.45
CA SER E 348 -4.42 -36.85 -2.39
C SER E 348 -5.54 -36.05 -1.72
N ALA E 349 -6.21 -36.65 -0.74
CA ALA E 349 -7.23 -35.92 0.03
C ALA E 349 -6.59 -34.89 0.94
N PHE E 350 -5.46 -35.21 1.56
CA PHE E 350 -4.83 -34.33 2.55
C PHE E 350 -4.03 -33.21 1.91
N ASN E 351 -3.70 -33.30 0.63
CA ASN E 351 -2.89 -32.27 -0.02
C ASN E 351 -3.47 -30.86 0.06
N PRO E 352 -4.74 -30.60 -0.24
CA PRO E 352 -5.21 -29.20 -0.30
C PRO E 352 -5.31 -28.48 1.03
N LEU E 353 -5.09 -29.14 2.16
CA LEU E 353 -5.09 -28.48 3.46
C LEU E 353 -3.68 -28.17 3.95
N ILE E 354 -2.66 -28.42 3.13
CA ILE E 354 -1.27 -28.15 3.48
C ILE E 354 -0.71 -27.00 2.65
N TYR E 355 -0.82 -27.10 1.32
CA TYR E 355 -0.38 -26.05 0.42
C TYR E 355 -1.37 -24.89 0.32
N CYS E 356 -2.39 -24.87 1.19
CA CYS E 356 -3.39 -23.82 1.14
C CYS E 356 -3.76 -23.32 2.54
N ARG E 357 -2.81 -23.34 3.47
CA ARG E 357 -3.04 -22.94 4.86
C ARG E 357 -2.65 -21.48 5.12
N SER E 358 -2.00 -20.83 4.15
CA SER E 358 -1.50 -19.48 4.35
C SER E 358 -2.64 -18.50 4.62
N PRO E 359 -2.34 -17.37 5.28
CA PRO E 359 -3.41 -16.44 5.67
C PRO E 359 -4.25 -15.93 4.52
N ASP E 360 -3.66 -15.70 3.34
CA ASP E 360 -4.48 -15.29 2.20
C ASP E 360 -5.49 -16.36 1.81
N PHE E 361 -5.04 -17.61 1.80
CA PHE E 361 -5.97 -18.72 1.52
C PHE E 361 -7.05 -18.80 2.59
N ARG E 362 -6.67 -18.60 3.86
CA ARG E 362 -7.66 -18.65 4.94
C ARG E 362 -8.69 -17.54 4.79
N SER E 363 -8.26 -16.33 4.43
CA SER E 363 -9.20 -15.23 4.22
C SER E 363 -10.13 -15.51 3.05
N ALA E 364 -9.57 -16.04 1.95
CA ALA E 364 -10.40 -16.39 0.80
C ALA E 364 -11.43 -17.44 1.17
N PHE E 365 -11.02 -18.44 1.96
CA PHE E 365 -11.95 -19.48 2.40
C PHE E 365 -13.04 -18.90 3.30
N ARG E 366 -12.66 -17.99 4.20
CA ARG E 366 -13.66 -17.35 5.06
C ARG E 366 -14.68 -16.59 4.24
N ARG E 367 -14.22 -15.83 3.24
CA ARG E 367 -15.16 -15.12 2.37
C ARG E 367 -15.99 -16.10 1.55
N LEU E 368 -15.35 -17.17 1.05
CA LEU E 368 -16.10 -18.17 0.30
C LEU E 368 -17.05 -18.96 1.20
N LEU E 369 -16.61 -19.31 2.40
CA LEU E 369 -17.43 -20.08 3.33
C LEU E 369 -17.92 -19.21 4.48
CAI 5FW F . -4.69 -49.89 -8.08
CAG 5FW F . -3.81 -49.37 -9.21
CAJ 5FW F . -4.54 -49.34 -10.54
NAD 5FW F . -3.34 -48.03 -8.88
CAF 5FW F . -2.04 -47.83 -9.48
CAE 5FW F . -1.23 -46.80 -8.70
OAA 5FW F . -2.03 -45.68 -8.48
CAH 5FW F . 0.02 -46.35 -9.46
CAK 5FW F . 0.95 -47.28 -9.87
CAL 5FW F . 0.20 -45.00 -9.74
CAN 5FW F . 1.33 -44.59 -10.43
CAO 5FW F . 2.26 -45.53 -10.85
OAC 5FW F . 3.40 -45.12 -11.55
CAM 5FW F . 2.07 -46.87 -10.57
OAB 5FW F . 3.01 -47.81 -10.99
#